data_2RUP
#
_entry.id   2RUP
#
_entity_poly.entity_id   1
_entity_poly.type   'polypeptide(L)'
_entity_poly.pdbx_seq_one_letter_code
;MQTQSTCPEIPDKTSICNSDADCTPGSVDTHSSGVATGRCVPFNESVKTCEVAAWCPV
;
_entity_poly.pdbx_strand_id   A
#
# COMPACT_ATOMS: atom_id res chain seq x y z
N MET A 1 -13.43 -15.19 -12.73
CA MET A 1 -12.34 -14.23 -12.81
C MET A 1 -12.50 -13.14 -11.75
N GLN A 2 -11.52 -12.24 -11.66
CA GLN A 2 -11.56 -11.15 -10.70
C GLN A 2 -10.95 -9.89 -11.28
N THR A 3 -10.93 -8.82 -10.49
CA THR A 3 -10.38 -7.54 -10.93
C THR A 3 -9.55 -6.90 -9.83
N GLN A 4 -8.62 -6.04 -10.23
CA GLN A 4 -7.75 -5.35 -9.28
C GLN A 4 -8.53 -4.31 -8.48
N SER A 5 -8.34 -4.32 -7.17
CA SER A 5 -9.03 -3.37 -6.30
C SER A 5 -8.03 -2.49 -5.54
N THR A 6 -8.54 -1.50 -4.83
CA THR A 6 -7.70 -0.59 -4.08
C THR A 6 -7.74 -0.91 -2.58
N CYS A 7 -6.59 -0.80 -1.93
CA CYS A 7 -6.49 -1.09 -0.50
C CYS A 7 -5.08 -0.84 0.01
N PRO A 8 -4.95 -0.59 1.32
CA PRO A 8 -3.67 -0.33 1.97
C PRO A 8 -2.77 -1.57 2.01
N GLU A 9 -1.57 -1.44 1.46
CA GLU A 9 -0.63 -2.56 1.43
C GLU A 9 -0.45 -3.15 2.83
N ILE A 10 -0.25 -4.47 2.89
CA ILE A 10 -0.07 -5.15 4.15
C ILE A 10 1.21 -4.71 4.84
N PRO A 11 1.11 -4.40 6.14
CA PRO A 11 2.25 -3.94 6.94
C PRO A 11 3.26 -5.06 7.20
N ASP A 12 4.54 -4.71 7.16
CA ASP A 12 5.60 -5.68 7.38
C ASP A 12 6.66 -5.13 8.33
N LYS A 13 7.33 -6.02 9.06
CA LYS A 13 8.36 -5.62 10.01
C LYS A 13 9.57 -5.06 9.28
N THR A 14 9.61 -5.25 7.96
CA THR A 14 10.72 -4.76 7.15
C THR A 14 10.25 -3.74 6.12
N SER A 15 8.94 -3.73 5.87
CA SER A 15 8.35 -2.80 4.91
C SER A 15 7.40 -1.83 5.60
N ILE A 16 7.78 -0.56 5.64
CA ILE A 16 6.97 0.47 6.27
C ILE A 16 6.65 1.60 5.29
N CYS A 17 5.62 2.37 5.60
CA CYS A 17 5.22 3.48 4.74
C CYS A 17 5.55 4.81 5.40
N ASN A 18 5.97 5.78 4.58
CA ASN A 18 6.32 7.10 5.08
C ASN A 18 5.18 8.09 4.85
N SER A 19 5.38 9.33 5.30
CA SER A 19 4.37 10.37 5.15
C SER A 19 4.09 10.64 3.67
N ASP A 20 3.04 11.41 3.41
CA ASP A 20 2.66 11.74 2.04
C ASP A 20 3.83 12.39 1.29
N ALA A 21 4.62 13.17 2.02
CA ALA A 21 5.76 13.85 1.43
C ALA A 21 6.87 12.86 1.08
N ASP A 22 6.72 11.62 1.55
CA ASP A 22 7.70 10.58 1.29
C ASP A 22 7.08 9.41 0.55
N CYS A 23 5.77 9.49 0.33
CA CYS A 23 5.05 8.44 -0.37
C CYS A 23 4.43 8.96 -1.66
N THR A 24 4.70 8.27 -2.77
CA THR A 24 4.18 8.67 -4.06
C THR A 24 3.50 7.50 -4.77
N PRO A 25 2.48 7.81 -5.57
CA PRO A 25 1.71 6.80 -6.31
C PRO A 25 2.53 6.17 -7.43
N GLY A 26 1.86 5.38 -8.28
CA GLY A 26 2.55 4.74 -9.38
C GLY A 26 2.90 3.29 -9.08
N SER A 27 4.18 3.04 -8.81
CA SER A 27 4.65 1.70 -8.50
C SER A 27 6.05 1.73 -7.88
N VAL A 28 6.13 1.36 -6.62
CA VAL A 28 7.40 1.35 -5.90
C VAL A 28 7.78 -0.07 -5.48
N ASP A 29 6.78 -0.93 -5.35
CA ASP A 29 7.01 -2.32 -4.95
C ASP A 29 6.88 -3.25 -6.16
N THR A 30 8.00 -3.51 -6.82
CA THR A 30 8.02 -4.39 -7.98
C THR A 30 7.45 -5.77 -7.64
N HIS A 31 7.51 -6.12 -6.37
CA HIS A 31 7.00 -7.42 -5.90
C HIS A 31 5.49 -7.37 -5.73
N SER A 32 4.96 -6.18 -5.52
CA SER A 32 3.52 -6.00 -5.33
C SER A 32 2.80 -5.96 -6.66
N SER A 33 3.47 -5.43 -7.68
CA SER A 33 2.89 -5.33 -9.01
C SER A 33 1.56 -4.58 -8.97
N GLY A 34 1.41 -3.71 -7.97
CA GLY A 34 0.19 -2.94 -7.84
C GLY A 34 0.37 -1.49 -8.25
N VAL A 35 -0.66 -0.67 -8.01
CA VAL A 35 -0.60 0.75 -8.35
C VAL A 35 -0.63 1.61 -7.10
N ALA A 36 0.53 2.14 -6.73
CA ALA A 36 0.64 3.00 -5.56
C ALA A 36 -0.33 4.18 -5.65
N THR A 37 -0.93 4.53 -4.52
CA THR A 37 -1.89 5.63 -4.47
C THR A 37 -1.22 6.91 -3.97
N GLY A 38 -0.23 6.75 -3.10
CA GLY A 38 0.47 7.90 -2.56
C GLY A 38 0.04 8.24 -1.15
N ARG A 39 -1.24 8.06 -0.86
CA ARG A 39 -1.78 8.36 0.46
C ARG A 39 -1.38 7.28 1.47
N CYS A 40 -0.74 7.71 2.55
CA CYS A 40 -0.30 6.78 3.59
C CYS A 40 -1.26 6.80 4.78
N VAL A 41 -1.43 5.65 5.41
CA VAL A 41 -2.32 5.53 6.56
C VAL A 41 -1.83 4.47 7.53
N PRO A 42 -2.08 4.67 8.83
CA PRO A 42 -1.67 3.73 9.88
C PRO A 42 -2.46 2.43 9.83
N PHE A 43 -1.98 1.48 9.04
CA PHE A 43 -2.64 0.18 8.91
C PHE A 43 -2.90 -0.44 10.28
N ASN A 44 -1.83 -0.63 11.04
CA ASN A 44 -1.94 -1.23 12.37
C ASN A 44 -1.70 -0.17 13.45
N GLU A 45 -1.56 -0.62 14.69
CA GLU A 45 -1.33 0.28 15.81
C GLU A 45 0.08 0.83 15.79
N SER A 46 1.07 -0.07 15.84
CA SER A 46 2.46 0.33 15.84
C SER A 46 3.06 0.16 14.44
N VAL A 47 2.21 0.17 13.43
CA VAL A 47 2.66 0.02 12.05
C VAL A 47 1.81 0.86 11.09
N LYS A 48 2.42 1.29 10.00
CA LYS A 48 1.72 2.09 9.00
C LYS A 48 2.10 1.67 7.58
N THR A 49 1.14 1.72 6.67
CA THR A 49 1.37 1.34 5.29
C THR A 49 0.82 2.39 4.33
N CYS A 50 1.07 2.20 3.05
CA CYS A 50 0.60 3.13 2.03
C CYS A 50 -0.48 2.49 1.17
N GLU A 51 -1.37 3.32 0.62
CA GLU A 51 -2.45 2.84 -0.23
C GLU A 51 -1.93 2.39 -1.59
N VAL A 52 -2.41 1.24 -2.05
CA VAL A 52 -1.99 0.69 -3.34
C VAL A 52 -3.11 -0.09 -3.99
N ALA A 53 -3.01 -0.28 -5.31
CA ALA A 53 -4.02 -1.03 -6.05
C ALA A 53 -3.54 -2.44 -6.36
N ALA A 54 -4.19 -3.43 -5.74
CA ALA A 54 -3.83 -4.82 -5.96
C ALA A 54 -5.03 -5.74 -5.75
N TRP A 55 -4.78 -7.04 -5.78
CA TRP A 55 -5.85 -8.01 -5.58
C TRP A 55 -6.22 -8.14 -4.11
N CYS A 56 -7.36 -7.57 -3.73
CA CYS A 56 -7.82 -7.62 -2.36
C CYS A 56 -9.13 -8.42 -2.25
N PRO A 57 -9.43 -8.88 -1.02
CA PRO A 57 -10.65 -9.66 -0.76
C PRO A 57 -11.91 -8.82 -0.88
N VAL A 58 -13.06 -9.50 -0.98
CA VAL A 58 -14.34 -8.81 -1.09
C VAL A 58 -15.36 -9.39 -0.12
N MET A 1 -9.85 -13.26 -16.22
CA MET A 1 -9.50 -11.90 -15.83
C MET A 1 -10.03 -11.58 -14.44
N GLN A 2 -9.37 -10.65 -13.75
CA GLN A 2 -9.78 -10.26 -12.41
C GLN A 2 -9.81 -8.73 -12.28
N THR A 3 -10.60 -8.25 -11.33
CA THR A 3 -10.73 -6.81 -11.11
C THR A 3 -9.91 -6.38 -9.89
N GLN A 4 -8.95 -5.49 -10.13
CA GLN A 4 -8.10 -4.99 -9.05
C GLN A 4 -8.87 -4.04 -8.15
N SER A 5 -8.61 -4.13 -6.84
CA SER A 5 -9.28 -3.28 -5.87
C SER A 5 -8.28 -2.41 -5.13
N THR A 6 -8.80 -1.47 -4.33
CA THR A 6 -7.95 -0.56 -3.57
C THR A 6 -7.91 -0.95 -2.09
N CYS A 7 -6.74 -0.83 -1.48
CA CYS A 7 -6.57 -1.18 -0.07
C CYS A 7 -5.17 -0.83 0.40
N PRO A 8 -5.03 -0.64 1.73
CA PRO A 8 -3.74 -0.29 2.35
C PRO A 8 -2.76 -1.45 2.32
N GLU A 9 -1.57 -1.20 1.77
CA GLU A 9 -0.54 -2.22 1.67
C GLU A 9 -0.30 -2.88 3.03
N ILE A 10 0.15 -4.12 3.00
CA ILE A 10 0.42 -4.87 4.23
C ILE A 10 1.68 -4.35 4.92
N PRO A 11 1.58 -4.12 6.24
CA PRO A 11 2.69 -3.63 7.04
C PRO A 11 3.79 -4.68 7.20
N ASP A 12 5.04 -4.23 7.16
CA ASP A 12 6.19 -5.12 7.30
C ASP A 12 7.23 -4.54 8.25
N LYS A 13 7.91 -5.41 8.98
CA LYS A 13 8.93 -4.97 9.93
C LYS A 13 10.09 -4.29 9.22
N THR A 14 10.15 -4.48 7.90
CA THR A 14 11.21 -3.87 7.09
C THR A 14 10.63 -2.90 6.06
N SER A 15 9.32 -2.99 5.84
CA SER A 15 8.65 -2.13 4.88
C SER A 15 7.65 -1.21 5.58
N ILE A 16 7.95 0.08 5.59
CA ILE A 16 7.07 1.07 6.22
C ILE A 16 6.65 2.15 5.24
N CYS A 17 5.58 2.85 5.55
CA CYS A 17 5.08 3.93 4.70
C CYS A 17 5.34 5.29 5.33
N ASN A 18 5.67 6.26 4.48
CA ASN A 18 5.95 7.62 4.95
C ASN A 18 4.74 8.52 4.74
N SER A 19 4.86 9.77 5.17
CA SER A 19 3.78 10.74 5.04
C SER A 19 3.43 10.97 3.56
N ASP A 20 2.33 11.67 3.33
CA ASP A 20 1.88 11.95 1.97
C ASP A 20 2.98 12.69 1.19
N ALA A 21 3.76 13.50 1.88
CA ALA A 21 4.84 14.25 1.26
C ALA A 21 6.06 13.37 1.02
N ASP A 22 5.97 12.12 1.45
CA ASP A 22 7.07 11.18 1.29
C ASP A 22 6.58 9.89 0.64
N CYS A 23 5.30 9.86 0.28
CA CYS A 23 4.71 8.68 -0.35
C CYS A 23 4.20 9.01 -1.75
N THR A 24 4.62 8.22 -2.72
CA THR A 24 4.21 8.43 -4.10
C THR A 24 3.54 7.18 -4.67
N PRO A 25 2.55 7.39 -5.56
CA PRO A 25 1.81 6.30 -6.20
C PRO A 25 2.67 5.51 -7.18
N GLY A 26 2.03 4.62 -7.93
CA GLY A 26 2.75 3.82 -8.91
C GLY A 26 3.62 2.76 -8.26
N SER A 27 4.87 2.69 -8.66
CA SER A 27 5.81 1.71 -8.12
C SER A 27 5.22 0.30 -8.19
N VAL A 28 5.32 -0.31 -9.37
CA VAL A 28 4.81 -1.66 -9.57
C VAL A 28 5.65 -2.69 -8.82
N ASP A 29 5.39 -2.85 -7.53
CA ASP A 29 6.12 -3.80 -6.71
C ASP A 29 5.82 -5.24 -7.14
N THR A 30 6.85 -6.07 -7.13
CA THR A 30 6.70 -7.47 -7.52
C THR A 30 5.98 -8.27 -6.46
N HIS A 31 6.18 -7.91 -5.19
CA HIS A 31 5.54 -8.59 -4.08
C HIS A 31 4.17 -8.00 -3.80
N SER A 32 3.97 -6.75 -4.21
CA SER A 32 2.70 -6.06 -3.99
C SER A 32 1.75 -6.29 -5.17
N SER A 33 2.32 -6.34 -6.37
CA SER A 33 1.52 -6.55 -7.57
C SER A 33 0.40 -5.51 -7.68
N GLY A 34 0.62 -4.35 -7.07
CA GLY A 34 -0.38 -3.30 -7.09
C GLY A 34 0.22 -1.94 -7.40
N VAL A 35 -0.64 -0.93 -7.54
CA VAL A 35 -0.18 0.42 -7.82
C VAL A 35 -0.49 1.36 -6.66
N ALA A 36 0.56 1.88 -6.03
CA ALA A 36 0.41 2.79 -4.91
C ALA A 36 -0.47 3.99 -5.29
N THR A 37 -1.17 4.53 -4.31
CA THR A 37 -2.05 5.68 -4.54
C THR A 37 -1.39 6.98 -4.08
N GLY A 38 -0.66 6.90 -2.96
CA GLY A 38 0.01 8.08 -2.43
C GLY A 38 -0.41 8.39 -1.01
N ARG A 39 -1.67 8.13 -0.68
CA ARG A 39 -2.18 8.39 0.65
C ARG A 39 -1.69 7.34 1.64
N CYS A 40 -1.13 7.79 2.76
CA CYS A 40 -0.61 6.88 3.77
C CYS A 40 -1.56 6.83 4.97
N VAL A 41 -1.66 5.65 5.58
CA VAL A 41 -2.53 5.47 6.74
C VAL A 41 -1.96 4.42 7.69
N PRO A 42 -2.21 4.60 9.00
CA PRO A 42 -1.73 3.68 10.03
C PRO A 42 -2.44 2.33 9.98
N PHE A 43 -1.88 1.41 9.21
CA PHE A 43 -2.46 0.07 9.07
C PHE A 43 -2.63 -0.59 10.43
N ASN A 44 -1.54 -0.72 11.17
CA ASN A 44 -1.57 -1.33 12.49
C ASN A 44 -1.41 -0.27 13.59
N GLU A 45 -1.20 -0.74 14.81
CA GLU A 45 -1.04 0.17 15.95
C GLU A 45 0.32 0.85 15.91
N SER A 46 1.38 0.05 15.94
CA SER A 46 2.74 0.57 15.90
C SER A 46 3.33 0.46 14.50
N VAL A 47 2.46 0.42 13.49
CA VAL A 47 2.90 0.32 12.11
C VAL A 47 1.98 1.11 11.18
N LYS A 48 2.54 1.58 10.07
CA LYS A 48 1.77 2.34 9.10
C LYS A 48 2.15 1.96 7.67
N THR A 49 1.16 1.91 6.79
CA THR A 49 1.39 1.55 5.40
C THR A 49 0.75 2.56 4.46
N CYS A 50 0.96 2.38 3.16
CA CYS A 50 0.41 3.28 2.16
C CYS A 50 -0.66 2.57 1.34
N GLU A 51 -1.57 3.36 0.76
CA GLU A 51 -2.65 2.79 -0.06
C GLU A 51 -2.12 2.31 -1.40
N VAL A 52 -2.69 1.22 -1.90
CA VAL A 52 -2.28 0.66 -3.18
C VAL A 52 -3.46 0.05 -3.92
N ALA A 53 -3.25 -0.27 -5.19
CA ALA A 53 -4.30 -0.87 -6.01
C ALA A 53 -3.91 -2.26 -6.48
N ALA A 54 -4.49 -3.27 -5.83
CA ALA A 54 -4.20 -4.66 -6.17
C ALA A 54 -5.38 -5.56 -5.83
N TRP A 55 -5.19 -6.87 -5.97
CA TRP A 55 -6.24 -7.84 -5.68
C TRP A 55 -6.37 -8.06 -4.17
N CYS A 56 -7.42 -7.49 -3.60
CA CYS A 56 -7.66 -7.62 -2.17
C CYS A 56 -8.90 -8.48 -1.90
N PRO A 57 -9.00 -9.01 -0.67
CA PRO A 57 -10.13 -9.85 -0.26
C PRO A 57 -11.42 -9.07 -0.13
N VAL A 58 -12.14 -8.95 -1.24
CA VAL A 58 -13.41 -8.22 -1.26
C VAL A 58 -14.49 -8.97 -0.49
N MET A 1 -13.03 -14.96 -12.65
CA MET A 1 -13.30 -13.60 -13.12
C MET A 1 -13.19 -12.60 -11.97
N GLN A 2 -12.04 -11.97 -11.86
CA GLN A 2 -11.80 -10.99 -10.80
C GLN A 2 -11.17 -9.71 -11.37
N THR A 3 -10.98 -8.72 -10.50
CA THR A 3 -10.40 -7.45 -10.91
C THR A 3 -9.56 -6.85 -9.79
N GLN A 4 -8.66 -5.94 -10.16
CA GLN A 4 -7.79 -5.29 -9.19
C GLN A 4 -8.59 -4.31 -8.31
N SER A 5 -8.35 -4.35 -7.01
CA SER A 5 -9.04 -3.49 -6.08
C SER A 5 -8.06 -2.59 -5.33
N THR A 6 -8.58 -1.65 -4.56
CA THR A 6 -7.75 -0.72 -3.79
C THR A 6 -7.72 -1.11 -2.33
N CYS A 7 -6.54 -0.96 -1.71
CA CYS A 7 -6.38 -1.30 -0.30
C CYS A 7 -4.98 -0.95 0.18
N PRO A 8 -4.83 -0.74 1.50
CA PRO A 8 -3.54 -0.41 2.11
C PRO A 8 -2.56 -1.57 2.08
N GLU A 9 -1.36 -1.32 1.56
CA GLU A 9 -0.33 -2.36 1.48
C GLU A 9 -0.12 -3.03 2.83
N ILE A 10 0.38 -4.25 2.80
CA ILE A 10 0.63 -5.00 4.03
C ILE A 10 1.86 -4.46 4.76
N PRO A 11 1.71 -4.26 6.08
CA PRO A 11 2.81 -3.75 6.92
C PRO A 11 3.92 -4.77 7.10
N ASP A 12 5.16 -4.29 7.11
CA ASP A 12 6.32 -5.15 7.28
C ASP A 12 7.30 -4.56 8.28
N LYS A 13 7.98 -5.43 9.02
CA LYS A 13 8.96 -4.99 10.02
C LYS A 13 10.11 -4.24 9.36
N THR A 14 10.24 -4.38 8.05
CA THR A 14 11.30 -3.72 7.30
C THR A 14 10.71 -2.75 6.28
N SER A 15 9.42 -2.88 5.99
CA SER A 15 8.74 -2.01 5.04
C SER A 15 7.70 -1.14 5.73
N ILE A 16 7.97 0.16 5.79
CA ILE A 16 7.04 1.09 6.42
C ILE A 16 6.62 2.20 5.45
N CYS A 17 5.53 2.87 5.76
CA CYS A 17 5.02 3.94 4.92
C CYS A 17 5.23 5.30 5.58
N ASN A 18 5.55 6.30 4.78
CA ASN A 18 5.79 7.65 5.29
C ASN A 18 4.56 8.53 5.09
N SER A 19 4.65 9.77 5.55
CA SER A 19 3.54 10.72 5.42
C SER A 19 3.21 10.96 3.95
N ASP A 20 2.10 11.65 3.70
CA ASP A 20 1.68 11.96 2.35
C ASP A 20 2.76 12.74 1.60
N ALA A 21 3.51 13.55 2.35
CA ALA A 21 4.58 14.35 1.76
C ALA A 21 5.83 13.50 1.52
N ASP A 22 5.77 12.24 1.93
CA ASP A 22 6.90 11.33 1.75
C ASP A 22 6.45 10.04 1.08
N CYS A 23 5.18 9.98 0.69
CA CYS A 23 4.63 8.80 0.03
C CYS A 23 4.14 9.15 -1.37
N THR A 24 4.59 8.38 -2.35
CA THR A 24 4.20 8.59 -3.74
C THR A 24 3.47 7.38 -4.30
N PRO A 25 2.53 7.63 -5.22
CA PRO A 25 1.74 6.57 -5.86
C PRO A 25 2.58 5.72 -6.81
N GLY A 26 1.90 4.86 -7.57
CA GLY A 26 2.60 4.00 -8.52
C GLY A 26 3.64 3.13 -7.84
N SER A 27 4.91 3.38 -8.14
CA SER A 27 6.01 2.61 -7.56
C SER A 27 5.77 1.11 -7.75
N VAL A 28 5.75 0.68 -9.01
CA VAL A 28 5.52 -0.73 -9.32
C VAL A 28 6.49 -1.61 -8.55
N ASP A 29 5.98 -2.27 -7.52
CA ASP A 29 6.79 -3.16 -6.70
C ASP A 29 6.59 -4.62 -7.11
N THR A 30 7.66 -5.40 -7.02
CA THR A 30 7.62 -6.81 -7.40
C THR A 30 6.88 -7.63 -6.34
N HIS A 31 7.10 -7.30 -5.08
CA HIS A 31 6.45 -8.00 -3.98
C HIS A 31 5.10 -7.39 -3.66
N SER A 32 4.69 -6.41 -4.46
CA SER A 32 3.42 -5.73 -4.26
C SER A 32 2.49 -5.97 -5.46
N SER A 33 3.05 -5.87 -6.66
CA SER A 33 2.27 -6.06 -7.88
C SER A 33 1.06 -5.15 -7.90
N GLY A 34 1.16 -4.02 -7.22
CA GLY A 34 0.06 -3.07 -7.16
C GLY A 34 0.48 -1.65 -7.52
N VAL A 35 -0.45 -0.72 -7.44
CA VAL A 35 -0.16 0.67 -7.75
C VAL A 35 -0.47 1.58 -6.57
N ALA A 36 0.58 2.11 -5.95
CA ALA A 36 0.42 3.00 -4.80
C ALA A 36 -0.49 4.18 -5.13
N THR A 37 -1.17 4.69 -4.12
CA THR A 37 -2.08 5.81 -4.30
C THR A 37 -1.46 7.11 -3.80
N GLY A 38 -0.73 7.02 -2.68
CA GLY A 38 -0.09 8.18 -2.11
C GLY A 38 -0.54 8.44 -0.68
N ARG A 39 -1.79 8.14 -0.39
CA ARG A 39 -2.34 8.35 0.95
C ARG A 39 -1.84 7.28 1.91
N CYS A 40 -1.26 7.71 3.02
CA CYS A 40 -0.74 6.80 4.02
C CYS A 40 -1.68 6.71 5.22
N VAL A 41 -1.76 5.53 5.82
CA VAL A 41 -2.61 5.31 6.98
C VAL A 41 -2.05 4.22 7.88
N PRO A 42 -2.35 4.31 9.18
CA PRO A 42 -1.89 3.35 10.19
C PRO A 42 -2.56 1.99 10.02
N PHE A 43 -1.95 1.13 9.21
CA PHE A 43 -2.49 -0.21 8.98
C PHE A 43 -2.73 -0.95 10.30
N ASN A 44 -1.78 -0.81 11.22
CA ASN A 44 -1.89 -1.46 12.52
C ASN A 44 -1.57 -0.48 13.65
N GLU A 45 -1.43 -1.00 14.87
CA GLU A 45 -1.13 -0.18 16.02
C GLU A 45 0.36 -0.18 16.32
N SER A 46 1.12 -0.91 15.51
CA SER A 46 2.57 -1.01 15.69
C SER A 46 3.31 -0.42 14.48
N VAL A 47 2.65 -0.46 13.32
CA VAL A 47 3.24 0.06 12.10
C VAL A 47 2.17 0.64 11.18
N LYS A 48 2.60 1.39 10.17
CA LYS A 48 1.69 2.00 9.22
C LYS A 48 2.09 1.66 7.79
N THR A 49 1.13 1.73 6.87
CA THR A 49 1.38 1.45 5.46
C THR A 49 0.72 2.48 4.56
N CYS A 50 0.96 2.35 3.25
CA CYS A 50 0.39 3.27 2.28
C CYS A 50 -0.66 2.57 1.42
N GLU A 51 -1.49 3.37 0.75
CA GLU A 51 -2.53 2.83 -0.12
C GLU A 51 -1.94 2.25 -1.40
N VAL A 52 -2.51 1.15 -1.87
CA VAL A 52 -2.04 0.50 -3.09
C VAL A 52 -3.18 -0.19 -3.83
N ALA A 53 -3.06 -0.29 -5.14
CA ALA A 53 -4.08 -0.93 -5.97
C ALA A 53 -3.62 -2.30 -6.44
N ALA A 54 -4.19 -3.35 -5.86
CA ALA A 54 -3.85 -4.71 -6.23
C ALA A 54 -5.02 -5.67 -5.99
N TRP A 55 -4.77 -6.96 -6.16
CA TRP A 55 -5.80 -7.97 -5.96
C TRP A 55 -6.03 -8.24 -4.48
N CYS A 56 -7.13 -7.72 -3.95
CA CYS A 56 -7.47 -7.90 -2.54
C CYS A 56 -8.97 -7.83 -2.34
N PRO A 57 -9.45 -8.49 -1.27
CA PRO A 57 -10.88 -8.52 -0.93
C PRO A 57 -11.38 -7.16 -0.43
N VAL A 58 -12.12 -6.47 -1.29
CA VAL A 58 -12.67 -5.16 -0.94
C VAL A 58 -13.94 -5.30 -0.11
N MET A 1 -12.13 -14.70 -12.55
CA MET A 1 -12.89 -13.48 -12.82
C MET A 1 -12.74 -12.48 -11.68
N GLN A 2 -11.69 -11.68 -11.73
CA GLN A 2 -11.44 -10.68 -10.69
C GLN A 2 -11.10 -9.32 -11.30
N THR A 3 -10.88 -8.34 -10.45
CA THR A 3 -10.56 -6.99 -10.90
C THR A 3 -9.63 -6.28 -9.92
N GLN A 4 -8.78 -5.41 -10.45
CA GLN A 4 -7.84 -4.67 -9.61
C GLN A 4 -8.56 -3.62 -8.76
N SER A 5 -8.38 -3.71 -7.44
CA SER A 5 -9.03 -2.78 -6.53
C SER A 5 -7.98 -1.99 -5.73
N THR A 6 -8.44 -1.00 -4.97
CA THR A 6 -7.56 -0.18 -4.16
C THR A 6 -7.63 -0.56 -2.69
N CYS A 7 -6.49 -0.55 -2.02
CA CYS A 7 -6.42 -0.89 -0.61
C CYS A 7 -5.01 -0.72 -0.06
N PRO A 8 -4.90 -0.53 1.26
CA PRO A 8 -3.60 -0.35 1.93
C PRO A 8 -2.78 -1.64 1.95
N GLU A 9 -1.56 -1.58 1.41
CA GLU A 9 -0.69 -2.73 1.38
C GLU A 9 -0.53 -3.33 2.77
N ILE A 10 0.15 -4.48 2.84
CA ILE A 10 0.39 -5.15 4.12
C ILE A 10 1.64 -4.63 4.80
N PRO A 11 1.52 -4.33 6.09
CA PRO A 11 2.64 -3.81 6.89
C PRO A 11 3.72 -4.87 7.13
N ASP A 12 4.97 -4.47 7.07
CA ASP A 12 6.09 -5.38 7.27
C ASP A 12 7.14 -4.74 8.19
N LYS A 13 7.95 -5.59 8.82
CA LYS A 13 9.00 -5.12 9.71
C LYS A 13 10.14 -4.47 8.94
N THR A 14 10.11 -4.64 7.62
CA THR A 14 11.15 -4.08 6.77
C THR A 14 10.56 -3.07 5.79
N SER A 15 9.25 -3.14 5.59
CA SER A 15 8.56 -2.23 4.68
C SER A 15 7.58 -1.34 5.45
N ILE A 16 7.88 -0.05 5.51
CA ILE A 16 7.03 0.91 6.21
C ILE A 16 6.60 2.04 5.28
N CYS A 17 5.53 2.73 5.65
CA CYS A 17 5.01 3.84 4.85
C CYS A 17 5.29 5.18 5.54
N ASN A 18 5.61 6.19 4.74
CA ASN A 18 5.89 7.52 5.27
C ASN A 18 4.67 8.43 5.14
N SER A 19 4.80 9.66 5.62
CA SER A 19 3.71 10.63 5.55
C SER A 19 3.35 10.93 4.10
N ASP A 20 2.23 11.63 3.92
CA ASP A 20 1.77 11.98 2.58
C ASP A 20 2.84 12.77 1.82
N ALA A 21 3.65 13.51 2.56
CA ALA A 21 4.72 14.31 1.96
C ALA A 21 5.97 13.48 1.73
N ASP A 22 5.92 12.22 2.15
CA ASP A 22 7.05 11.31 1.99
C ASP A 22 6.62 10.02 1.30
N CYS A 23 5.37 9.98 0.85
CA CYS A 23 4.84 8.81 0.17
C CYS A 23 4.43 9.14 -1.26
N THR A 24 4.93 8.36 -2.21
CA THR A 24 4.61 8.58 -3.61
C THR A 24 3.90 7.36 -4.21
N PRO A 25 3.01 7.61 -5.19
CA PRO A 25 2.26 6.55 -5.86
C PRO A 25 3.13 5.69 -6.75
N GLY A 26 2.51 4.83 -7.54
CA GLY A 26 3.24 3.95 -8.44
C GLY A 26 4.18 3.03 -7.69
N SER A 27 5.47 3.13 -7.97
CA SER A 27 6.47 2.30 -7.32
C SER A 27 6.09 0.82 -7.43
N VAL A 28 5.96 0.34 -8.65
CA VAL A 28 5.60 -1.06 -8.88
C VAL A 28 6.51 -2.00 -8.11
N ASP A 29 6.01 -2.53 -7.01
CA ASP A 29 6.79 -3.45 -6.18
C ASP A 29 6.51 -4.90 -6.56
N THR A 30 7.53 -5.75 -6.45
CA THR A 30 7.38 -7.16 -6.79
C THR A 30 6.60 -7.90 -5.71
N HIS A 31 6.73 -7.45 -4.47
CA HIS A 31 6.03 -8.07 -3.35
C HIS A 31 4.63 -7.48 -3.18
N SER A 32 4.44 -6.27 -3.71
CA SER A 32 3.16 -5.60 -3.62
C SER A 32 2.30 -5.89 -4.85
N SER A 33 2.93 -5.93 -6.00
CA SER A 33 2.22 -6.19 -7.26
C SER A 33 1.07 -5.21 -7.45
N GLY A 34 1.20 -4.03 -6.85
CA GLY A 34 0.17 -3.02 -6.96
C GLY A 34 0.72 -1.65 -7.26
N VAL A 35 -0.17 -0.69 -7.46
CA VAL A 35 0.24 0.68 -7.76
C VAL A 35 -0.09 1.62 -6.60
N ALA A 36 0.94 2.13 -5.94
CA ALA A 36 0.76 3.04 -4.81
C ALA A 36 -0.09 4.25 -5.22
N THR A 37 -0.88 4.75 -4.27
CA THR A 37 -1.75 5.90 -4.54
C THR A 37 -1.12 7.19 -4.03
N GLY A 38 -0.45 7.11 -2.88
CA GLY A 38 0.20 8.28 -2.31
C GLY A 38 -0.23 8.53 -0.88
N ARG A 39 -1.49 8.26 -0.58
CA ARG A 39 -2.02 8.46 0.76
C ARG A 39 -1.54 7.37 1.71
N CYS A 40 -1.17 7.76 2.92
CA CYS A 40 -0.68 6.82 3.91
C CYS A 40 -1.67 6.69 5.08
N VAL A 41 -1.76 5.49 5.65
CA VAL A 41 -2.66 5.25 6.77
C VAL A 41 -2.10 4.19 7.71
N PRO A 42 -2.40 4.33 9.01
CA PRO A 42 -1.94 3.39 10.03
C PRO A 42 -2.61 2.03 9.92
N PHE A 43 -2.07 1.16 9.06
CA PHE A 43 -2.63 -0.17 8.87
C PHE A 43 -2.79 -0.90 10.20
N ASN A 44 -1.77 -0.80 11.05
CA ASN A 44 -1.81 -1.45 12.36
C ASN A 44 -1.78 -0.41 13.48
N GLU A 45 -1.72 -0.88 14.72
CA GLU A 45 -1.68 0.00 15.88
C GLU A 45 -0.29 0.60 16.06
N SER A 46 0.73 -0.13 15.64
CA SER A 46 2.10 0.33 15.76
C SER A 46 2.74 0.50 14.38
N VAL A 47 2.25 -0.27 13.41
CA VAL A 47 2.77 -0.21 12.05
C VAL A 47 1.81 0.53 11.13
N LYS A 48 2.36 1.16 10.09
CA LYS A 48 1.56 1.90 9.13
C LYS A 48 1.99 1.59 7.70
N THR A 49 1.05 1.66 6.77
CA THR A 49 1.33 1.40 5.37
C THR A 49 0.71 2.45 4.47
N CYS A 50 0.96 2.35 3.17
CA CYS A 50 0.43 3.29 2.20
C CYS A 50 -0.61 2.62 1.30
N GLU A 51 -1.50 3.44 0.73
CA GLU A 51 -2.55 2.92 -0.14
C GLU A 51 -1.96 2.48 -1.49
N VAL A 52 -2.44 1.35 -1.99
CA VAL A 52 -1.98 0.82 -3.27
C VAL A 52 -3.13 0.21 -4.06
N ALA A 53 -2.86 -0.08 -5.33
CA ALA A 53 -3.87 -0.67 -6.21
C ALA A 53 -3.49 -2.09 -6.61
N ALA A 54 -4.18 -3.07 -6.03
CA ALA A 54 -3.90 -4.48 -6.34
C ALA A 54 -5.15 -5.32 -6.15
N TRP A 55 -4.99 -6.64 -6.26
CA TRP A 55 -6.11 -7.56 -6.09
C TRP A 55 -6.44 -7.76 -4.62
N CYS A 56 -7.53 -7.16 -4.19
CA CYS A 56 -7.97 -7.26 -2.79
C CYS A 56 -9.27 -8.05 -2.69
N PRO A 57 -9.57 -8.55 -1.48
CA PRO A 57 -10.77 -9.33 -1.22
C PRO A 57 -12.03 -8.47 -1.26
N VAL A 58 -12.74 -8.51 -2.39
CA VAL A 58 -13.96 -7.74 -2.56
C VAL A 58 -15.14 -8.41 -1.86
N MET A 1 -12.61 -13.56 -15.59
CA MET A 1 -12.15 -12.23 -15.96
C MET A 1 -11.19 -11.67 -14.92
N GLN A 2 -10.52 -10.57 -15.27
CA GLN A 2 -9.57 -9.95 -14.35
C GLN A 2 -10.11 -8.63 -13.82
N THR A 3 -9.74 -8.30 -12.58
CA THR A 3 -10.20 -7.07 -11.96
C THR A 3 -9.21 -6.60 -10.89
N GLN A 4 -9.16 -5.30 -10.67
CA GLN A 4 -8.26 -4.72 -9.68
C GLN A 4 -9.04 -4.02 -8.57
N SER A 5 -8.57 -4.19 -7.34
CA SER A 5 -9.24 -3.57 -6.18
C SER A 5 -8.28 -2.61 -5.47
N THR A 6 -8.83 -1.88 -4.50
CA THR A 6 -8.02 -0.93 -3.73
C THR A 6 -7.95 -1.34 -2.26
N CYS A 7 -6.78 -1.15 -1.66
CA CYS A 7 -6.58 -1.49 -0.26
C CYS A 7 -5.15 -1.17 0.17
N PRO A 8 -4.97 -0.97 1.49
CA PRO A 8 -3.65 -0.65 2.07
C PRO A 8 -2.69 -1.83 2.01
N GLU A 9 -1.47 -1.57 1.56
CA GLU A 9 -0.46 -2.62 1.45
C GLU A 9 -0.12 -3.19 2.83
N ILE A 10 0.01 -4.52 2.89
CA ILE A 10 0.34 -5.19 4.15
C ILE A 10 1.60 -4.62 4.78
N PRO A 11 1.54 -4.32 6.08
CA PRO A 11 2.67 -3.77 6.82
C PRO A 11 3.80 -4.79 7.00
N ASP A 12 5.03 -4.33 6.87
CA ASP A 12 6.20 -5.20 7.02
C ASP A 12 7.27 -4.53 7.88
N LYS A 13 7.98 -5.33 8.66
CA LYS A 13 9.04 -4.82 9.52
C LYS A 13 10.14 -4.15 8.70
N THR A 14 10.17 -4.45 7.41
CA THR A 14 11.17 -3.88 6.51
C THR A 14 10.55 -2.88 5.55
N SER A 15 9.23 -2.96 5.40
CA SER A 15 8.50 -2.07 4.50
C SER A 15 7.53 -1.19 5.28
N ILE A 16 7.81 0.11 5.32
CA ILE A 16 6.97 1.06 6.04
C ILE A 16 6.48 2.17 5.10
N CYS A 17 5.42 2.85 5.50
CA CYS A 17 4.86 3.93 4.70
C CYS A 17 5.13 5.28 5.36
N ASN A 18 5.37 6.29 4.54
CA ASN A 18 5.65 7.64 5.04
C ASN A 18 4.41 8.52 4.96
N SER A 19 4.52 9.75 5.42
CA SER A 19 3.41 10.70 5.40
C SER A 19 2.95 10.95 3.97
N ASP A 20 1.80 11.61 3.83
CA ASP A 20 1.25 11.92 2.52
C ASP A 20 2.25 12.72 1.68
N ALA A 21 3.07 13.52 2.34
CA ALA A 21 4.06 14.33 1.66
C ALA A 21 5.36 13.54 1.45
N ASP A 22 5.38 12.31 1.94
CA ASP A 22 6.55 11.45 1.80
C ASP A 22 6.19 10.13 1.15
N CYS A 23 4.95 10.03 0.68
CA CYS A 23 4.47 8.81 0.04
C CYS A 23 4.08 9.08 -1.42
N THR A 24 4.62 8.28 -2.32
CA THR A 24 4.34 8.42 -3.75
C THR A 24 3.65 7.18 -4.30
N PRO A 25 2.75 7.39 -5.27
CA PRO A 25 2.01 6.29 -5.90
C PRO A 25 2.90 5.41 -6.78
N GLY A 26 2.29 4.51 -7.54
CA GLY A 26 3.04 3.64 -8.40
C GLY A 26 3.83 2.59 -7.63
N SER A 27 5.14 2.56 -7.87
CA SER A 27 6.01 1.59 -7.20
C SER A 27 5.46 0.18 -7.33
N VAL A 28 5.68 -0.42 -8.50
CA VAL A 28 5.22 -1.78 -8.76
C VAL A 28 6.04 -2.81 -8.00
N ASP A 29 5.77 -2.94 -6.70
CA ASP A 29 6.49 -3.87 -5.86
C ASP A 29 6.12 -5.31 -6.21
N THR A 30 7.11 -6.20 -6.20
CA THR A 30 6.89 -7.61 -6.52
C THR A 30 6.17 -8.33 -5.38
N HIS A 31 6.39 -7.84 -4.16
CA HIS A 31 5.76 -8.45 -2.98
C HIS A 31 4.39 -7.84 -2.73
N SER A 32 4.19 -6.63 -3.23
CA SER A 32 2.91 -5.93 -3.06
C SER A 32 1.97 -6.23 -4.23
N SER A 33 2.53 -6.31 -5.43
CA SER A 33 1.74 -6.59 -6.62
C SER A 33 0.61 -5.57 -6.78
N GLY A 34 0.82 -4.38 -6.21
CA GLY A 34 -0.19 -3.34 -6.29
C GLY A 34 0.41 -1.99 -6.65
N VAL A 35 -0.46 -1.04 -6.99
CA VAL A 35 0.00 0.30 -7.35
C VAL A 35 -0.37 1.32 -6.27
N ALA A 36 0.66 1.83 -5.59
CA ALA A 36 0.45 2.82 -4.53
C ALA A 36 -0.34 4.02 -5.04
N THR A 37 -1.19 4.57 -4.18
CA THR A 37 -2.00 5.72 -4.55
C THR A 37 -1.39 7.02 -4.03
N GLY A 38 -0.81 6.96 -2.84
CA GLY A 38 -0.19 8.13 -2.25
C GLY A 38 -0.64 8.38 -0.82
N ARG A 39 -1.88 8.00 -0.53
CA ARG A 39 -2.43 8.19 0.81
C ARG A 39 -1.86 7.16 1.78
N CYS A 40 -1.53 7.60 2.98
CA CYS A 40 -0.97 6.71 4.00
C CYS A 40 -1.90 6.63 5.21
N VAL A 41 -1.93 5.46 5.85
CA VAL A 41 -2.77 5.24 7.02
C VAL A 41 -2.17 4.19 7.94
N PRO A 42 -2.46 4.32 9.25
CA PRO A 42 -1.95 3.39 10.27
C PRO A 42 -2.60 2.02 10.16
N PHE A 43 -2.01 1.14 9.35
CA PHE A 43 -2.52 -0.20 9.16
C PHE A 43 -2.66 -0.92 10.50
N ASN A 44 -1.56 -1.02 11.22
CA ASN A 44 -1.56 -1.68 12.52
C ASN A 44 -1.44 -0.67 13.66
N GLU A 45 -1.22 -1.17 14.87
CA GLU A 45 -1.08 -0.30 16.04
C GLU A 45 0.25 0.45 16.00
N SER A 46 1.35 -0.30 15.90
CA SER A 46 2.68 0.29 15.87
C SER A 46 3.27 0.23 14.47
N VAL A 47 2.39 0.19 13.47
CA VAL A 47 2.82 0.13 12.07
C VAL A 47 1.88 0.93 11.18
N LYS A 48 2.43 1.45 10.07
CA LYS A 48 1.64 2.23 9.12
C LYS A 48 2.02 1.87 7.69
N THR A 49 1.01 1.79 6.82
CA THR A 49 1.22 1.46 5.42
C THR A 49 0.55 2.47 4.51
N CYS A 50 0.78 2.33 3.20
CA CYS A 50 0.19 3.24 2.22
C CYS A 50 -0.84 2.51 1.37
N GLU A 51 -1.77 3.27 0.81
CA GLU A 51 -2.82 2.71 -0.03
C GLU A 51 -2.27 2.27 -1.37
N VAL A 52 -2.73 1.11 -1.85
CA VAL A 52 -2.28 0.59 -3.13
C VAL A 52 -3.44 -0.03 -3.92
N ALA A 53 -3.18 -0.33 -5.18
CA ALA A 53 -4.21 -0.93 -6.04
C ALA A 53 -3.83 -2.35 -6.45
N ALA A 54 -4.51 -3.33 -5.87
CA ALA A 54 -4.24 -4.72 -6.18
C ALA A 54 -5.49 -5.59 -5.97
N TRP A 55 -5.34 -6.90 -6.13
CA TRP A 55 -6.44 -7.81 -5.95
C TRP A 55 -6.56 -8.26 -4.50
N CYS A 56 -7.56 -7.72 -3.81
CA CYS A 56 -7.79 -8.06 -2.40
C CYS A 56 -9.27 -8.21 -2.11
N PRO A 57 -9.60 -8.96 -1.05
CA PRO A 57 -10.99 -9.18 -0.64
C PRO A 57 -11.64 -7.92 -0.07
N VAL A 58 -10.81 -7.01 0.42
CA VAL A 58 -11.30 -5.76 0.99
C VAL A 58 -10.94 -4.57 0.11
N MET A 1 -11.60 -15.47 -11.53
CA MET A 1 -11.14 -14.15 -11.96
C MET A 1 -11.22 -13.14 -10.83
N GLN A 2 -10.43 -12.09 -10.92
CA GLN A 2 -10.41 -11.05 -9.89
C GLN A 2 -10.38 -9.66 -10.51
N THR A 3 -10.28 -8.64 -9.67
CA THR A 3 -10.25 -7.26 -10.15
C THR A 3 -9.27 -6.43 -9.33
N GLN A 4 -8.61 -5.48 -9.99
CA GLN A 4 -7.65 -4.61 -9.34
C GLN A 4 -8.35 -3.61 -8.42
N SER A 5 -8.15 -3.76 -7.11
CA SER A 5 -8.77 -2.88 -6.14
C SER A 5 -7.70 -2.16 -5.31
N THR A 6 -8.13 -1.19 -4.52
CA THR A 6 -7.22 -0.42 -3.68
C THR A 6 -7.32 -0.86 -2.23
N CYS A 7 -6.17 -0.90 -1.55
CA CYS A 7 -6.12 -1.30 -0.15
C CYS A 7 -4.76 -0.97 0.46
N PRO A 8 -4.73 -0.83 1.80
CA PRO A 8 -3.51 -0.52 2.53
C PRO A 8 -2.51 -1.68 2.53
N GLU A 9 -1.31 -1.42 2.04
CA GLU A 9 -0.27 -2.45 1.99
C GLU A 9 -0.09 -3.10 3.36
N ILE A 10 0.20 -4.40 3.35
CA ILE A 10 0.40 -5.14 4.59
C ILE A 10 1.63 -4.65 5.33
N PRO A 11 1.47 -4.39 6.64
CA PRO A 11 2.57 -3.91 7.50
C PRO A 11 3.63 -4.97 7.73
N ASP A 12 4.89 -4.55 7.76
CA ASP A 12 6.01 -5.47 7.97
C ASP A 12 6.99 -4.90 9.00
N LYS A 13 7.61 -5.78 9.77
CA LYS A 13 8.58 -5.37 10.78
C LYS A 13 9.79 -4.71 10.14
N THR A 14 9.93 -4.89 8.82
CA THR A 14 11.05 -4.30 8.09
C THR A 14 10.56 -3.35 7.00
N SER A 15 9.27 -3.41 6.72
CA SER A 15 8.67 -2.55 5.69
C SER A 15 7.66 -1.60 6.31
N ILE A 16 7.99 -0.31 6.33
CA ILE A 16 7.09 0.70 6.88
C ILE A 16 6.79 1.79 5.85
N CYS A 17 5.72 2.53 6.10
CA CYS A 17 5.32 3.60 5.20
C CYS A 17 5.57 4.97 5.82
N ASN A 18 6.01 5.92 5.01
CA ASN A 18 6.29 7.27 5.49
C ASN A 18 5.14 8.22 5.16
N SER A 19 5.28 9.47 5.57
CA SER A 19 4.25 10.48 5.32
C SER A 19 4.03 10.68 3.82
N ASP A 20 2.94 11.35 3.48
CA ASP A 20 2.62 11.61 2.08
C ASP A 20 3.78 12.28 1.36
N ALA A 21 4.44 13.20 2.06
CA ALA A 21 5.58 13.93 1.50
C ALA A 21 6.69 12.96 1.11
N ASP A 22 6.66 11.77 1.68
CA ASP A 22 7.67 10.76 1.40
C ASP A 22 7.07 9.56 0.67
N CYS A 23 5.75 9.58 0.51
CA CYS A 23 5.05 8.51 -0.17
C CYS A 23 4.35 9.01 -1.44
N THR A 24 4.61 8.35 -2.56
CA THR A 24 4.03 8.73 -3.82
C THR A 24 3.47 7.52 -4.57
N PRO A 25 2.41 7.75 -5.35
CA PRO A 25 1.76 6.68 -6.13
C PRO A 25 2.63 6.18 -7.28
N GLY A 26 2.12 5.21 -8.03
CA GLY A 26 2.88 4.67 -9.15
C GLY A 26 3.87 3.62 -8.72
N SER A 27 5.03 3.59 -9.38
CA SER A 27 6.06 2.61 -9.05
C SER A 27 5.49 1.20 -9.04
N VAL A 28 5.02 0.75 -10.21
CA VAL A 28 4.44 -0.59 -10.33
C VAL A 28 5.38 -1.64 -9.77
N ASP A 29 4.91 -2.39 -8.78
CA ASP A 29 5.71 -3.43 -8.16
C ASP A 29 5.80 -4.66 -9.07
N THR A 30 6.95 -5.35 -9.01
CA THR A 30 7.16 -6.53 -9.83
C THR A 30 6.36 -7.72 -9.30
N HIS A 31 6.28 -7.83 -7.98
CA HIS A 31 5.54 -8.92 -7.35
C HIS A 31 4.07 -8.57 -7.19
N SER A 32 3.79 -7.32 -6.79
CA SER A 32 2.43 -6.86 -6.60
C SER A 32 1.76 -6.58 -7.94
N SER A 33 2.56 -6.12 -8.90
CA SER A 33 2.04 -5.80 -10.24
C SER A 33 0.92 -4.78 -10.15
N GLY A 34 0.92 -4.00 -9.08
CA GLY A 34 -0.10 -2.99 -8.90
C GLY A 34 0.42 -1.58 -9.08
N VAL A 35 -0.16 -0.62 -8.36
CA VAL A 35 0.26 0.77 -8.44
C VAL A 35 0.03 1.49 -7.12
N ALA A 36 1.10 2.02 -6.55
CA ALA A 36 1.02 2.74 -5.29
C ALA A 36 0.01 3.88 -5.36
N THR A 37 -0.58 4.23 -4.22
CA THR A 37 -1.57 5.30 -4.16
C THR A 37 -0.95 6.60 -3.67
N GLY A 38 0.08 6.48 -2.82
CA GLY A 38 0.74 7.65 -2.28
C GLY A 38 0.21 8.04 -0.92
N ARG A 39 -1.07 7.75 -0.66
CA ARG A 39 -1.69 8.08 0.61
C ARG A 39 -1.28 7.06 1.69
N CYS A 40 -0.68 7.56 2.76
CA CYS A 40 -0.25 6.71 3.86
C CYS A 40 -1.24 6.78 5.03
N VAL A 41 -1.49 5.62 5.63
CA VAL A 41 -2.41 5.55 6.77
C VAL A 41 -2.05 4.40 7.71
N PRO A 42 -2.45 4.53 8.98
CA PRO A 42 -2.18 3.51 9.99
C PRO A 42 -2.99 2.23 9.76
N PHE A 43 -2.32 1.19 9.28
CA PHE A 43 -2.96 -0.08 9.02
C PHE A 43 -3.75 -0.56 10.24
N ASN A 44 -3.06 -0.68 11.37
CA ASN A 44 -3.70 -1.12 12.60
C ASN A 44 -3.70 -0.01 13.65
N GLU A 45 -2.53 0.23 14.24
CA GLU A 45 -2.40 1.28 15.25
C GLU A 45 -0.94 1.69 15.41
N SER A 46 -0.13 0.80 15.95
CA SER A 46 1.29 1.09 16.16
C SER A 46 2.05 1.06 14.84
N VAL A 47 1.51 0.32 13.87
CA VAL A 47 2.13 0.21 12.56
C VAL A 47 1.37 1.01 11.52
N LYS A 48 2.08 1.50 10.51
CA LYS A 48 1.47 2.28 9.44
C LYS A 48 1.99 1.84 8.08
N THR A 49 1.10 1.83 7.09
CA THR A 49 1.46 1.43 5.74
C THR A 49 0.94 2.42 4.70
N CYS A 50 1.26 2.19 3.44
CA CYS A 50 0.81 3.05 2.36
C CYS A 50 -0.22 2.35 1.48
N GLU A 51 -1.24 3.08 1.05
CA GLU A 51 -2.29 2.53 0.21
C GLU A 51 -1.77 2.26 -1.21
N VAL A 52 -2.27 1.20 -1.81
CA VAL A 52 -1.86 0.84 -3.17
C VAL A 52 -3.01 0.24 -3.95
N ALA A 53 -2.78 -0.05 -5.23
CA ALA A 53 -3.80 -0.62 -6.09
C ALA A 53 -3.36 -1.98 -6.63
N ALA A 54 -3.91 -3.05 -6.07
CA ALA A 54 -3.58 -4.40 -6.50
C ALA A 54 -4.74 -5.36 -6.27
N TRP A 55 -4.49 -6.64 -6.50
CA TRP A 55 -5.52 -7.66 -6.32
C TRP A 55 -5.71 -7.98 -4.83
N CYS A 56 -6.81 -7.48 -4.26
CA CYS A 56 -7.11 -7.72 -2.86
C CYS A 56 -8.60 -7.60 -2.59
N PRO A 57 -9.08 -8.30 -1.55
CA PRO A 57 -10.48 -8.29 -1.16
C PRO A 57 -10.93 -6.94 -0.58
N VAL A 58 -12.22 -6.66 -0.70
CA VAL A 58 -12.76 -5.41 -0.19
C VAL A 58 -12.78 -5.39 1.33
N MET A 1 -13.92 -14.00 -14.21
CA MET A 1 -12.92 -12.95 -14.38
C MET A 1 -12.75 -12.14 -13.09
N GLN A 2 -11.61 -11.48 -12.96
CA GLN A 2 -11.32 -10.67 -11.78
C GLN A 2 -10.63 -9.37 -12.17
N THR A 3 -10.63 -8.41 -11.25
CA THR A 3 -9.99 -7.12 -11.49
C THR A 3 -9.25 -6.64 -10.25
N GLN A 4 -8.21 -5.83 -10.47
CA GLN A 4 -7.41 -5.30 -9.37
C GLN A 4 -8.20 -4.26 -8.59
N SER A 5 -8.02 -4.26 -7.27
CA SER A 5 -8.71 -3.31 -6.40
C SER A 5 -7.72 -2.43 -5.65
N THR A 6 -8.24 -1.43 -4.95
CA THR A 6 -7.40 -0.52 -4.18
C THR A 6 -7.45 -0.84 -2.69
N CYS A 7 -6.31 -0.72 -2.01
CA CYS A 7 -6.23 -1.00 -0.59
C CYS A 7 -4.83 -0.73 -0.07
N PRO A 8 -4.73 -0.46 1.25
CA PRO A 8 -3.45 -0.18 1.91
C PRO A 8 -2.56 -1.41 1.99
N GLU A 9 -1.26 -1.22 1.74
CA GLU A 9 -0.30 -2.32 1.79
C GLU A 9 -0.35 -3.02 3.14
N ILE A 10 0.45 -4.08 3.29
CA ILE A 10 0.49 -4.84 4.53
C ILE A 10 1.64 -4.35 5.42
N PRO A 11 1.34 -4.13 6.71
CA PRO A 11 2.32 -3.67 7.69
C PRO A 11 3.36 -4.73 8.01
N ASP A 12 4.62 -4.44 7.71
CA ASP A 12 5.70 -5.37 7.98
C ASP A 12 6.89 -4.66 8.62
N LYS A 13 7.86 -5.44 9.10
CA LYS A 13 9.05 -4.88 9.73
C LYS A 13 10.06 -4.43 8.68
N THR A 14 9.78 -4.73 7.42
CA THR A 14 10.66 -4.35 6.33
C THR A 14 10.00 -3.36 5.39
N SER A 15 8.66 -3.38 5.36
CA SER A 15 7.90 -2.48 4.50
C SER A 15 7.09 -1.49 5.33
N ILE A 16 7.47 -0.22 5.29
CA ILE A 16 6.78 0.81 6.04
C ILE A 16 6.30 1.93 5.11
N CYS A 17 5.34 2.71 5.60
CA CYS A 17 4.80 3.82 4.81
C CYS A 17 5.25 5.16 5.38
N ASN A 18 5.47 6.13 4.51
CA ASN A 18 5.90 7.45 4.92
C ASN A 18 4.72 8.42 4.96
N SER A 19 5.01 9.67 5.34
CA SER A 19 3.97 10.70 5.43
C SER A 19 3.33 10.94 4.07
N ASP A 20 2.19 11.61 4.06
CA ASP A 20 1.48 11.91 2.82
C ASP A 20 2.41 12.56 1.81
N ALA A 21 3.32 13.38 2.30
CA ALA A 21 4.28 14.07 1.43
C ALA A 21 5.50 13.20 1.17
N ASP A 22 5.74 12.24 2.04
CA ASP A 22 6.88 11.34 1.89
C ASP A 22 6.47 10.04 1.20
N CYS A 23 5.22 9.99 0.75
CA CYS A 23 4.70 8.81 0.06
C CYS A 23 4.28 9.15 -1.36
N THR A 24 4.78 8.38 -2.32
CA THR A 24 4.46 8.60 -3.73
C THR A 24 3.83 7.35 -4.34
N PRO A 25 2.93 7.57 -5.31
CA PRO A 25 2.24 6.48 -6.01
C PRO A 25 3.18 5.69 -6.91
N GLY A 26 2.59 4.80 -7.73
CA GLY A 26 3.39 3.99 -8.63
C GLY A 26 4.29 3.02 -7.89
N SER A 27 5.59 3.07 -8.20
CA SER A 27 6.56 2.18 -7.56
C SER A 27 6.07 0.73 -7.59
N VAL A 28 5.71 0.26 -8.79
CA VAL A 28 5.24 -1.10 -8.95
C VAL A 28 6.19 -2.11 -8.31
N ASP A 29 5.75 -2.73 -7.22
CA ASP A 29 6.57 -3.70 -6.51
C ASP A 29 6.44 -5.09 -7.17
N THR A 30 7.51 -5.87 -7.10
CA THR A 30 7.53 -7.20 -7.67
C THR A 30 6.72 -8.18 -6.82
N HIS A 31 6.80 -8.02 -5.51
CA HIS A 31 6.09 -8.88 -4.58
C HIS A 31 4.68 -8.35 -4.33
N SER A 32 4.49 -7.06 -4.57
CA SER A 32 3.19 -6.42 -4.35
C SER A 32 2.35 -6.47 -5.62
N SER A 33 3.01 -6.38 -6.77
CA SER A 33 2.33 -6.41 -8.06
C SER A 33 1.20 -5.38 -8.10
N GLY A 34 1.37 -4.30 -7.35
CA GLY A 34 0.36 -3.25 -7.31
C GLY A 34 0.92 -1.88 -7.62
N VAL A 35 0.08 -0.86 -7.53
CA VAL A 35 0.50 0.51 -7.81
C VAL A 35 0.11 1.44 -6.67
N ALA A 36 1.11 2.01 -6.00
CA ALA A 36 0.87 2.92 -4.90
C ALA A 36 -0.02 4.08 -5.32
N THR A 37 -0.81 4.60 -4.38
CA THR A 37 -1.71 5.71 -4.66
C THR A 37 -1.12 7.03 -4.17
N GLY A 38 -0.44 6.98 -3.03
CA GLY A 38 0.17 8.17 -2.48
C GLY A 38 -0.31 8.46 -1.06
N ARG A 39 -1.55 8.09 -0.76
CA ARG A 39 -2.12 8.31 0.56
C ARG A 39 -1.56 7.29 1.56
N CYS A 40 -1.47 7.69 2.82
CA CYS A 40 -0.97 6.82 3.87
C CYS A 40 -1.93 6.76 5.04
N VAL A 41 -2.03 5.58 5.66
CA VAL A 41 -2.93 5.39 6.79
C VAL A 41 -2.37 4.33 7.75
N PRO A 42 -2.68 4.49 9.04
CA PRO A 42 -2.23 3.56 10.08
C PRO A 42 -2.91 2.20 9.99
N PHE A 43 -2.38 1.33 9.14
CA PHE A 43 -2.94 0.00 8.95
C PHE A 43 -3.12 -0.71 10.30
N ASN A 44 -2.03 -0.85 11.03
CA ASN A 44 -2.06 -1.51 12.33
C ASN A 44 -2.01 -0.49 13.46
N GLU A 45 -1.83 -0.97 14.68
CA GLU A 45 -1.76 -0.10 15.84
C GLU A 45 -0.41 0.60 15.94
N SER A 46 0.65 -0.18 15.91
CA SER A 46 2.00 0.35 15.99
C SER A 46 2.69 0.34 14.63
N VAL A 47 1.88 0.23 13.57
CA VAL A 47 2.40 0.21 12.21
C VAL A 47 1.46 0.93 11.24
N LYS A 48 2.03 1.49 10.18
CA LYS A 48 1.24 2.20 9.19
C LYS A 48 1.70 1.85 7.78
N THR A 49 0.75 1.81 6.84
CA THR A 49 1.07 1.49 5.46
C THR A 49 0.50 2.54 4.51
N CYS A 50 0.80 2.39 3.21
CA CYS A 50 0.33 3.33 2.21
C CYS A 50 -0.69 2.66 1.28
N GLU A 51 -1.48 3.47 0.59
CA GLU A 51 -2.50 2.96 -0.33
C GLU A 51 -1.85 2.40 -1.59
N VAL A 52 -2.33 1.23 -2.02
CA VAL A 52 -1.81 0.59 -3.22
C VAL A 52 -2.91 -0.13 -3.98
N ALA A 53 -2.76 -0.18 -5.30
CA ALA A 53 -3.74 -0.84 -6.16
C ALA A 53 -3.26 -2.22 -6.58
N ALA A 54 -3.86 -3.26 -5.99
CA ALA A 54 -3.49 -4.63 -6.31
C ALA A 54 -4.67 -5.58 -6.08
N TRP A 55 -4.40 -6.88 -6.21
CA TRP A 55 -5.44 -7.89 -6.02
C TRP A 55 -5.70 -8.12 -4.53
N CYS A 56 -6.82 -7.60 -4.05
CA CYS A 56 -7.19 -7.74 -2.64
C CYS A 56 -8.70 -7.65 -2.46
N PRO A 57 -9.21 -8.29 -1.39
CA PRO A 57 -10.64 -8.30 -1.09
C PRO A 57 -11.14 -6.94 -0.64
N VAL A 58 -10.38 -6.29 0.25
CA VAL A 58 -10.75 -4.98 0.75
C VAL A 58 -9.51 -4.15 1.08
N MET A 1 -12.57 -14.53 -10.63
CA MET A 1 -13.33 -13.90 -9.55
C MET A 1 -12.47 -12.87 -8.81
N GLN A 2 -11.62 -12.17 -9.56
CA GLN A 2 -10.75 -11.17 -8.98
C GLN A 2 -10.48 -10.04 -9.97
N THR A 3 -10.15 -8.86 -9.44
CA THR A 3 -9.88 -7.70 -10.28
C THR A 3 -8.96 -6.71 -9.57
N GLN A 4 -8.34 -5.82 -10.34
CA GLN A 4 -7.44 -4.83 -9.78
C GLN A 4 -8.20 -3.77 -8.99
N SER A 5 -8.11 -3.85 -7.66
CA SER A 5 -8.79 -2.91 -6.80
C SER A 5 -7.81 -2.14 -5.93
N THR A 6 -8.30 -1.15 -5.20
CA THR A 6 -7.45 -0.34 -4.33
C THR A 6 -7.63 -0.74 -2.87
N CYS A 7 -6.53 -0.74 -2.13
CA CYS A 7 -6.55 -1.10 -0.72
C CYS A 7 -5.20 -0.86 -0.07
N PRO A 8 -5.20 -0.69 1.26
CA PRO A 8 -3.97 -0.45 2.04
C PRO A 8 -3.08 -1.69 2.10
N GLU A 9 -1.88 -1.56 1.56
CA GLU A 9 -0.93 -2.68 1.55
C GLU A 9 -0.77 -3.26 2.95
N ILE A 10 -0.28 -4.50 3.02
CA ILE A 10 -0.08 -5.17 4.30
C ILE A 10 1.24 -4.75 4.93
N PRO A 11 1.20 -4.41 6.23
CA PRO A 11 2.39 -3.99 6.98
C PRO A 11 3.36 -5.14 7.21
N ASP A 12 4.62 -4.92 6.88
CA ASP A 12 5.65 -5.94 7.06
C ASP A 12 6.91 -5.33 7.67
N LYS A 13 7.62 -6.14 8.45
CA LYS A 13 8.86 -5.68 9.09
C LYS A 13 9.89 -5.26 8.05
N THR A 14 9.69 -5.70 6.82
CA THR A 14 10.61 -5.37 5.73
C THR A 14 10.01 -4.32 4.81
N SER A 15 8.67 -4.29 4.73
CA SER A 15 7.98 -3.34 3.88
C SER A 15 7.12 -2.40 4.71
N ILE A 16 7.54 -1.14 4.80
CA ILE A 16 6.81 -0.14 5.56
C ILE A 16 6.50 1.09 4.71
N CYS A 17 5.50 1.85 5.13
CA CYS A 17 5.09 3.05 4.40
C CYS A 17 5.51 4.31 5.16
N ASN A 18 5.92 5.33 4.43
CA ASN A 18 6.34 6.59 5.03
C ASN A 18 5.24 7.64 4.93
N SER A 19 5.51 8.82 5.47
CA SER A 19 4.53 9.91 5.44
C SER A 19 4.19 10.30 4.01
N ASP A 20 3.16 11.12 3.86
CA ASP A 20 2.73 11.57 2.54
C ASP A 20 3.88 12.25 1.80
N ALA A 21 4.77 12.88 2.55
CA ALA A 21 5.92 13.58 1.97
C ALA A 21 6.99 12.59 1.53
N ASP A 22 6.79 11.32 1.87
CA ASP A 22 7.74 10.28 1.51
C ASP A 22 7.06 9.17 0.72
N CYS A 23 5.75 9.29 0.54
CA CYS A 23 4.98 8.29 -0.19
C CYS A 23 4.35 8.91 -1.44
N THR A 24 4.58 8.27 -2.58
CA THR A 24 4.03 8.75 -3.84
C THR A 24 3.39 7.62 -4.64
N PRO A 25 2.36 7.95 -5.42
CA PRO A 25 1.64 6.97 -6.25
C PRO A 25 2.49 6.47 -7.41
N GLY A 26 2.01 5.41 -8.07
CA GLY A 26 2.74 4.85 -9.19
C GLY A 26 3.19 3.42 -8.94
N SER A 27 4.42 3.26 -8.49
CA SER A 27 4.97 1.94 -8.22
C SER A 27 6.11 2.02 -7.20
N VAL A 28 5.85 1.52 -5.99
CA VAL A 28 6.84 1.53 -4.94
C VAL A 28 7.22 0.11 -4.51
N ASP A 29 6.29 -0.81 -4.71
CA ASP A 29 6.53 -2.21 -4.35
C ASP A 29 6.63 -3.08 -5.59
N THR A 30 7.86 -3.33 -6.04
CA THR A 30 8.09 -4.15 -7.22
C THR A 30 7.51 -5.55 -7.05
N HIS A 31 7.37 -5.98 -5.80
CA HIS A 31 6.84 -7.30 -5.50
C HIS A 31 5.32 -7.29 -5.55
N SER A 32 4.73 -6.11 -5.35
CA SER A 32 3.28 -5.97 -5.36
C SER A 32 2.76 -5.88 -6.80
N SER A 33 3.57 -5.32 -7.68
CA SER A 33 3.20 -5.17 -9.08
C SER A 33 1.87 -4.41 -9.21
N GLY A 34 1.58 -3.57 -8.22
CA GLY A 34 0.35 -2.81 -8.25
C GLY A 34 0.59 -1.34 -8.54
N VAL A 35 -0.45 -0.53 -8.35
CA VAL A 35 -0.36 0.90 -8.60
C VAL A 35 -0.42 1.69 -7.30
N ALA A 36 0.72 2.22 -6.86
CA ALA A 36 0.78 2.99 -5.64
C ALA A 36 -0.20 4.15 -5.67
N THR A 37 -0.85 4.41 -4.53
CA THR A 37 -1.83 5.49 -4.42
C THR A 37 -1.17 6.76 -3.89
N GLY A 38 -0.11 6.60 -3.11
CA GLY A 38 0.58 7.74 -2.54
C GLY A 38 0.12 8.07 -1.14
N ARG A 39 -1.18 7.91 -0.89
CA ARG A 39 -1.76 8.19 0.42
C ARG A 39 -1.40 7.10 1.42
N CYS A 40 -0.79 7.50 2.53
CA CYS A 40 -0.39 6.56 3.57
C CYS A 40 -1.38 6.57 4.73
N VAL A 41 -1.59 5.41 5.34
CA VAL A 41 -2.51 5.30 6.46
C VAL A 41 -2.09 4.17 7.40
N PRO A 42 -2.38 4.35 8.70
CA PRO A 42 -2.04 3.36 9.73
C PRO A 42 -2.87 2.09 9.60
N PHE A 43 -2.35 1.13 8.85
CA PHE A 43 -3.05 -0.14 8.65
C PHE A 43 -3.44 -0.76 9.99
N ASN A 44 -2.65 -0.50 11.02
CA ASN A 44 -2.91 -1.02 12.35
C ASN A 44 -2.58 0.01 13.43
N GLU A 45 -2.52 -0.44 14.68
CA GLU A 45 -2.21 0.45 15.79
C GLU A 45 -0.73 0.44 16.09
N SER A 46 -0.02 -0.55 15.55
CA SER A 46 1.42 -0.66 15.77
C SER A 46 2.16 -0.75 14.43
N VAL A 47 1.59 -0.13 13.40
CA VAL A 47 2.19 -0.14 12.08
C VAL A 47 1.38 0.70 11.10
N LYS A 48 2.01 1.09 9.99
CA LYS A 48 1.34 1.90 8.97
C LYS A 48 1.80 1.49 7.58
N THR A 49 0.86 1.49 6.63
CA THR A 49 1.17 1.13 5.26
C THR A 49 0.62 2.16 4.28
N CYS A 50 0.92 1.97 3.00
CA CYS A 50 0.47 2.89 1.97
C CYS A 50 -0.56 2.23 1.06
N GLU A 51 -1.52 3.01 0.59
CA GLU A 51 -2.57 2.50 -0.28
C GLU A 51 -2.02 2.21 -1.68
N VAL A 52 -2.46 1.11 -2.26
CA VAL A 52 -2.02 0.71 -3.60
C VAL A 52 -3.13 0.01 -4.36
N ALA A 53 -2.89 -0.26 -5.65
CA ALA A 53 -3.87 -0.93 -6.49
C ALA A 53 -3.39 -2.34 -6.86
N ALA A 54 -4.04 -3.35 -6.28
CA ALA A 54 -3.69 -4.74 -6.56
C ALA A 54 -4.89 -5.65 -6.38
N TRP A 55 -4.65 -6.96 -6.47
CA TRP A 55 -5.72 -7.94 -6.31
C TRP A 55 -6.07 -8.14 -4.85
N CYS A 56 -7.21 -7.58 -4.43
CA CYS A 56 -7.66 -7.69 -3.05
C CYS A 56 -9.17 -7.52 -2.96
N PRO A 57 -9.78 -8.11 -1.92
CA PRO A 57 -11.23 -8.03 -1.69
C PRO A 57 -11.67 -6.63 -1.28
N VAL A 58 -12.94 -6.33 -1.52
CA VAL A 58 -13.48 -5.02 -1.17
C VAL A 58 -14.19 -5.06 0.18
N MET A 1 -12.10 -11.03 -16.10
CA MET A 1 -13.32 -11.40 -15.39
C MET A 1 -13.37 -10.75 -14.02
N GLN A 2 -12.20 -10.49 -13.45
CA GLN A 2 -12.10 -9.86 -12.14
C GLN A 2 -11.59 -8.43 -12.25
N THR A 3 -11.85 -7.63 -11.22
CA THR A 3 -11.42 -6.23 -11.21
C THR A 3 -10.50 -5.95 -10.02
N GLN A 4 -9.38 -5.30 -10.30
CA GLN A 4 -8.42 -4.97 -9.25
C GLN A 4 -8.96 -3.87 -8.34
N SER A 5 -8.73 -4.02 -7.04
CA SER A 5 -9.20 -3.04 -6.06
C SER A 5 -8.03 -2.44 -5.29
N THR A 6 -8.31 -1.43 -4.48
CA THR A 6 -7.28 -0.77 -3.68
C THR A 6 -7.35 -1.22 -2.22
N CYS A 7 -6.19 -1.42 -1.61
CA CYS A 7 -6.11 -1.84 -0.22
C CYS A 7 -4.82 -1.36 0.42
N PRO A 8 -4.86 -1.14 1.75
CA PRO A 8 -3.70 -0.68 2.51
C PRO A 8 -2.62 -1.75 2.62
N GLU A 9 -1.40 -1.38 2.24
CA GLU A 9 -0.27 -2.32 2.30
C GLU A 9 -0.17 -2.96 3.67
N ILE A 10 0.63 -4.02 3.77
CA ILE A 10 0.82 -4.72 5.03
C ILE A 10 2.09 -4.24 5.74
N PRO A 11 1.96 -3.95 7.05
CA PRO A 11 3.07 -3.48 7.87
C PRO A 11 4.11 -4.57 8.12
N ASP A 12 5.34 -4.33 7.66
CA ASP A 12 6.42 -5.29 7.84
C ASP A 12 7.69 -4.59 8.31
N LYS A 13 8.49 -5.30 9.10
CA LYS A 13 9.74 -4.75 9.62
C LYS A 13 10.69 -4.39 8.48
N THR A 14 10.43 -4.93 7.30
CA THR A 14 11.24 -4.65 6.12
C THR A 14 10.54 -3.69 5.16
N SER A 15 9.21 -3.73 5.17
CA SER A 15 8.43 -2.88 4.30
C SER A 15 7.58 -1.90 5.11
N ILE A 16 7.95 -0.63 5.08
CA ILE A 16 7.23 0.40 5.82
C ILE A 16 6.82 1.55 4.90
N CYS A 17 5.80 2.30 5.31
CA CYS A 17 5.32 3.43 4.52
C CYS A 17 5.70 4.75 5.18
N ASN A 18 6.02 5.74 4.36
CA ASN A 18 6.40 7.06 4.87
C ASN A 18 5.24 8.03 4.76
N SER A 19 5.45 9.26 5.22
CA SER A 19 4.43 10.29 5.18
C SER A 19 3.98 10.56 3.75
N ASP A 20 2.90 11.31 3.61
CA ASP A 20 2.36 11.65 2.30
C ASP A 20 3.41 12.36 1.45
N ALA A 21 4.28 13.12 2.11
CA ALA A 21 5.35 13.84 1.42
C ALA A 21 6.52 12.93 1.09
N ASP A 22 6.42 11.67 1.53
CA ASP A 22 7.48 10.71 1.29
C ASP A 22 6.92 9.46 0.60
N CYS A 23 5.62 9.46 0.35
CA CYS A 23 4.96 8.33 -0.31
C CYS A 23 4.35 8.76 -1.64
N THR A 24 4.69 8.02 -2.70
CA THR A 24 4.18 8.32 -4.03
C THR A 24 3.59 7.08 -4.68
N PRO A 25 2.57 7.28 -5.54
CA PRO A 25 1.91 6.19 -6.24
C PRO A 25 2.80 5.54 -7.31
N GLY A 26 2.21 4.67 -8.12
CA GLY A 26 2.97 4.00 -9.16
C GLY A 26 3.30 2.57 -8.80
N SER A 27 4.54 2.33 -8.41
CA SER A 27 4.99 1.00 -8.05
C SER A 27 6.28 1.05 -7.24
N VAL A 28 6.20 0.65 -5.97
CA VAL A 28 7.36 0.66 -5.09
C VAL A 28 7.72 -0.75 -4.64
N ASP A 29 6.74 -1.65 -4.68
CA ASP A 29 6.94 -3.04 -4.28
C ASP A 29 6.85 -3.97 -5.48
N THR A 30 8.00 -4.26 -6.09
CA THR A 30 8.05 -5.14 -7.25
C THR A 30 7.44 -6.50 -6.94
N HIS A 31 7.42 -6.85 -5.66
CA HIS A 31 6.87 -8.13 -5.23
C HIS A 31 5.35 -8.05 -5.11
N SER A 32 4.85 -6.84 -4.90
CA SER A 32 3.41 -6.63 -4.77
C SER A 32 2.73 -6.64 -6.12
N SER A 33 3.45 -6.17 -7.15
CA SER A 33 2.91 -6.13 -8.50
C SER A 33 1.63 -5.30 -8.55
N GLY A 34 1.48 -4.39 -7.59
CA GLY A 34 0.30 -3.55 -7.54
C GLY A 34 0.59 -2.11 -7.91
N VAL A 35 -0.44 -1.28 -7.94
CA VAL A 35 -0.28 0.13 -8.28
C VAL A 35 -0.37 1.01 -7.05
N ALA A 36 0.78 1.52 -6.62
CA ALA A 36 0.84 2.39 -5.44
C ALA A 36 -0.11 3.57 -5.59
N THR A 37 -0.77 3.93 -4.48
CA THR A 37 -1.70 5.05 -4.48
C THR A 37 -1.05 6.32 -3.97
N GLY A 38 -0.12 6.16 -3.02
CA GLY A 38 0.57 7.31 -2.46
C GLY A 38 0.04 7.69 -1.09
N ARG A 39 -1.23 7.40 -0.85
CA ARG A 39 -1.86 7.72 0.42
C ARG A 39 -1.40 6.76 1.51
N CYS A 40 -0.83 7.31 2.58
CA CYS A 40 -0.35 6.49 3.69
C CYS A 40 -1.31 6.56 4.88
N VAL A 41 -1.46 5.44 5.58
CA VAL A 41 -2.35 5.36 6.73
C VAL A 41 -1.84 4.35 7.75
N PRO A 42 -2.16 4.58 9.03
CA PRO A 42 -1.75 3.70 10.13
C PRO A 42 -2.48 2.36 10.10
N PHE A 43 -1.90 1.39 9.41
CA PHE A 43 -2.50 0.07 9.30
C PHE A 43 -2.60 -0.60 10.67
N ASN A 44 -1.46 -0.72 11.35
CA ASN A 44 -1.43 -1.34 12.67
C ASN A 44 -1.54 -0.29 13.76
N GLU A 45 -1.30 -0.70 15.00
CA GLU A 45 -1.38 0.21 16.14
C GLU A 45 -0.07 0.99 16.31
N SER A 46 1.03 0.36 15.94
CA SER A 46 2.35 0.99 16.05
C SER A 46 3.07 0.97 14.70
N VAL A 47 2.31 0.81 13.62
CA VAL A 47 2.88 0.78 12.29
C VAL A 47 1.94 1.42 11.27
N LYS A 48 2.51 1.96 10.21
CA LYS A 48 1.73 2.61 9.16
C LYS A 48 2.17 2.15 7.77
N THR A 49 1.20 1.83 6.92
CA THR A 49 1.49 1.37 5.56
C THR A 49 0.90 2.32 4.53
N CYS A 50 1.19 2.05 3.26
CA CYS A 50 0.68 2.88 2.17
C CYS A 50 -0.34 2.11 1.33
N GLU A 51 -1.35 2.82 0.85
CA GLU A 51 -2.39 2.21 0.04
C GLU A 51 -1.87 1.86 -1.35
N VAL A 52 -2.39 0.79 -1.93
CA VAL A 52 -1.97 0.35 -3.25
C VAL A 52 -3.12 -0.35 -3.99
N ALA A 53 -2.87 -0.72 -5.24
CA ALA A 53 -3.88 -1.38 -6.05
C ALA A 53 -3.51 -2.84 -6.30
N ALA A 54 -4.32 -3.75 -5.78
CA ALA A 54 -4.07 -5.17 -5.96
C ALA A 54 -5.38 -5.97 -5.91
N TRP A 55 -5.26 -7.30 -5.91
CA TRP A 55 -6.43 -8.16 -5.87
C TRP A 55 -7.00 -8.25 -4.46
N CYS A 56 -8.11 -7.57 -4.23
CA CYS A 56 -8.76 -7.57 -2.93
C CYS A 56 -10.20 -8.08 -3.03
N PRO A 57 -10.75 -8.51 -1.89
CA PRO A 57 -12.12 -9.03 -1.82
C PRO A 57 -13.16 -7.93 -2.03
N VAL A 58 -14.43 -8.31 -1.97
CA VAL A 58 -15.53 -7.37 -2.15
C VAL A 58 -15.51 -6.28 -1.08
N MET A 1 -10.32 -10.61 -17.70
CA MET A 1 -10.68 -11.44 -16.55
C MET A 1 -9.88 -11.06 -15.32
N GLN A 2 -9.49 -9.80 -15.24
CA GLN A 2 -8.71 -9.31 -14.11
C GLN A 2 -9.55 -8.41 -13.20
N THR A 3 -9.13 -8.27 -11.95
CA THR A 3 -9.84 -7.44 -10.98
C THR A 3 -8.88 -6.73 -10.04
N GLN A 4 -8.86 -5.40 -10.10
CA GLN A 4 -7.98 -4.61 -9.25
C GLN A 4 -8.79 -3.73 -8.30
N SER A 5 -8.50 -3.83 -7.01
CA SER A 5 -9.20 -3.05 -6.01
C SER A 5 -8.23 -2.15 -5.24
N THR A 6 -8.78 -1.28 -4.40
CA THR A 6 -7.97 -0.36 -3.62
C THR A 6 -7.94 -0.76 -2.14
N CYS A 7 -6.79 -0.63 -1.51
CA CYS A 7 -6.64 -0.98 -0.10
C CYS A 7 -5.24 -0.64 0.40
N PRO A 8 -5.11 -0.44 1.72
CA PRO A 8 -3.82 -0.11 2.35
C PRO A 8 -2.86 -1.30 2.34
N GLU A 9 -1.60 -1.03 2.04
CA GLU A 9 -0.57 -2.07 2.00
C GLU A 9 -0.50 -2.79 3.34
N ILE A 10 0.17 -3.94 3.34
CA ILE A 10 0.33 -4.74 4.55
C ILE A 10 1.56 -4.29 5.34
N PRO A 11 1.35 -4.07 6.65
CA PRO A 11 2.43 -3.64 7.55
C PRO A 11 3.45 -4.74 7.80
N ASP A 12 4.71 -4.44 7.48
CA ASP A 12 5.79 -5.40 7.66
C ASP A 12 7.00 -4.74 8.32
N LYS A 13 7.96 -5.56 8.75
CA LYS A 13 9.17 -5.06 9.38
C LYS A 13 10.18 -4.60 8.34
N THR A 14 9.86 -4.84 7.06
CA THR A 14 10.75 -4.44 5.97
C THR A 14 10.07 -3.41 5.07
N SER A 15 8.74 -3.40 5.08
CA SER A 15 7.98 -2.46 4.26
C SER A 15 7.18 -1.50 5.14
N ILE A 16 7.58 -0.23 5.12
CA ILE A 16 6.91 0.79 5.91
C ILE A 16 6.42 1.94 5.03
N CYS A 17 5.47 2.71 5.53
CA CYS A 17 4.92 3.84 4.79
C CYS A 17 5.38 5.16 5.39
N ASN A 18 5.61 6.15 4.52
CA ASN A 18 6.06 7.46 4.96
C ASN A 18 4.88 8.44 5.03
N SER A 19 5.17 9.68 5.43
CA SER A 19 4.15 10.71 5.54
C SER A 19 3.51 10.98 4.19
N ASP A 20 2.39 11.70 4.20
CA ASP A 20 1.67 12.02 2.97
C ASP A 20 2.61 12.65 1.95
N ALA A 21 3.37 13.64 2.38
CA ALA A 21 4.32 14.34 1.50
C ALA A 21 5.58 13.51 1.31
N ASP A 22 5.65 12.36 1.97
CA ASP A 22 6.80 11.47 1.85
C ASP A 22 6.42 10.16 1.19
N CYS A 23 5.17 10.07 0.74
CA CYS A 23 4.68 8.87 0.08
C CYS A 23 4.28 9.15 -1.37
N THR A 24 4.81 8.37 -2.29
CA THR A 24 4.51 8.53 -3.71
C THR A 24 3.83 7.29 -4.27
N PRO A 25 2.93 7.50 -5.24
CA PRO A 25 2.18 6.42 -5.89
C PRO A 25 3.08 5.56 -6.78
N GLY A 26 2.47 4.67 -7.56
CA GLY A 26 3.23 3.81 -8.45
C GLY A 26 3.98 2.72 -7.70
N SER A 27 5.26 2.59 -7.99
CA SER A 27 6.09 1.57 -7.34
C SER A 27 5.44 0.19 -7.44
N VAL A 28 5.23 -0.26 -8.67
CA VAL A 28 4.61 -1.56 -8.91
C VAL A 28 5.45 -2.69 -8.29
N ASP A 29 5.06 -3.10 -7.08
CA ASP A 29 5.77 -4.16 -6.38
C ASP A 29 5.53 -5.51 -7.05
N THR A 30 6.57 -6.33 -7.09
CA THR A 30 6.49 -7.65 -7.71
C THR A 30 5.71 -8.62 -6.83
N HIS A 31 5.79 -8.43 -5.52
CA HIS A 31 5.10 -9.28 -4.57
C HIS A 31 3.67 -8.78 -4.33
N SER A 32 3.55 -7.48 -4.08
CA SER A 32 2.25 -6.86 -3.82
C SER A 32 1.45 -6.73 -5.11
N SER A 33 2.15 -6.54 -6.22
CA SER A 33 1.51 -6.38 -7.52
C SER A 33 0.48 -5.25 -7.49
N GLY A 34 0.69 -4.30 -6.58
CA GLY A 34 -0.22 -3.18 -6.47
C GLY A 34 0.44 -1.85 -6.78
N VAL A 35 -0.37 -0.84 -7.06
CA VAL A 35 0.15 0.49 -7.37
C VAL A 35 -0.22 1.50 -6.28
N ALA A 36 0.80 2.02 -5.60
CA ALA A 36 0.58 2.99 -4.54
C ALA A 36 -0.21 4.19 -5.06
N THR A 37 -1.03 4.78 -4.18
CA THR A 37 -1.84 5.93 -4.54
C THR A 37 -1.20 7.23 -4.06
N GLY A 38 -0.62 7.18 -2.86
CA GLY A 38 0.01 8.36 -2.30
C GLY A 38 -0.40 8.61 -0.87
N ARG A 39 -1.64 8.26 -0.53
CA ARG A 39 -2.16 8.45 0.81
C ARG A 39 -1.58 7.42 1.77
N CYS A 40 -1.40 7.82 3.03
CA CYS A 40 -0.85 6.93 4.05
C CYS A 40 -1.76 6.89 5.27
N VAL A 41 -1.81 5.73 5.92
CA VAL A 41 -2.63 5.55 7.10
C VAL A 41 -2.05 4.50 8.03
N PRO A 42 -2.27 4.67 9.34
CA PRO A 42 -1.77 3.73 10.36
C PRO A 42 -2.50 2.39 10.31
N PHE A 43 -2.03 1.51 9.45
CA PHE A 43 -2.63 0.19 9.31
C PHE A 43 -2.76 -0.50 10.67
N ASN A 44 -1.63 -0.64 11.36
CA ASN A 44 -1.60 -1.28 12.67
C ASN A 44 -1.42 -0.25 13.78
N GLU A 45 -1.18 -0.72 14.99
CA GLU A 45 -0.98 0.16 16.13
C GLU A 45 0.38 0.84 16.06
N SER A 46 1.44 0.04 16.10
CA SER A 46 2.80 0.57 16.05
C SER A 46 3.36 0.46 14.64
N VAL A 47 2.47 0.39 13.64
CA VAL A 47 2.88 0.30 12.25
C VAL A 47 1.91 1.04 11.35
N LYS A 48 2.42 1.55 10.22
CA LYS A 48 1.60 2.27 9.27
C LYS A 48 1.96 1.90 7.84
N THR A 49 0.97 1.89 6.96
CA THR A 49 1.19 1.56 5.56
C THR A 49 0.59 2.61 4.64
N CYS A 50 0.83 2.46 3.34
CA CYS A 50 0.32 3.40 2.35
C CYS A 50 -0.75 2.75 1.48
N GLU A 51 -1.65 3.58 0.94
CA GLU A 51 -2.73 3.07 0.10
C GLU A 51 -2.20 2.64 -1.26
N VAL A 52 -2.66 1.49 -1.73
CA VAL A 52 -2.24 0.96 -3.03
C VAL A 52 -3.41 0.38 -3.80
N ALA A 53 -3.17 0.02 -5.05
CA ALA A 53 -4.21 -0.56 -5.90
C ALA A 53 -3.83 -1.97 -6.35
N ALA A 54 -4.42 -2.98 -5.74
CA ALA A 54 -4.15 -4.36 -6.09
C ALA A 54 -5.35 -5.26 -5.78
N TRP A 55 -5.17 -6.56 -5.96
CA TRP A 55 -6.24 -7.52 -5.70
C TRP A 55 -6.26 -7.93 -4.24
N CYS A 56 -7.24 -7.40 -3.50
CA CYS A 56 -7.37 -7.72 -2.08
C CYS A 56 -8.84 -7.98 -1.72
N PRO A 57 -9.05 -8.74 -0.62
CA PRO A 57 -10.39 -9.07 -0.15
C PRO A 57 -11.14 -7.86 0.41
N VAL A 58 -12.21 -7.46 -0.27
CA VAL A 58 -13.00 -6.32 0.17
C VAL A 58 -14.39 -6.75 0.61
N MET A 1 -14.47 -13.62 -13.78
CA MET A 1 -13.78 -12.38 -14.12
C MET A 1 -13.33 -11.66 -12.85
N GLN A 2 -12.03 -11.44 -12.74
CA GLN A 2 -11.46 -10.76 -11.57
C GLN A 2 -10.68 -9.52 -12.00
N THR A 3 -10.41 -8.65 -11.03
CA THR A 3 -9.67 -7.43 -11.30
C THR A 3 -8.94 -6.94 -10.06
N GLN A 4 -7.92 -6.10 -10.25
CA GLN A 4 -7.15 -5.55 -9.14
C GLN A 4 -7.97 -4.56 -8.34
N SER A 5 -7.80 -4.58 -7.03
CA SER A 5 -8.53 -3.68 -6.14
C SER A 5 -7.57 -2.78 -5.36
N THR A 6 -8.13 -1.82 -4.64
CA THR A 6 -7.32 -0.89 -3.85
C THR A 6 -7.37 -1.24 -2.37
N CYS A 7 -6.23 -1.11 -1.70
CA CYS A 7 -6.15 -1.41 -0.27
C CYS A 7 -4.78 -1.03 0.28
N PRO A 8 -4.71 -0.80 1.60
CA PRO A 8 -3.47 -0.43 2.28
C PRO A 8 -2.48 -1.59 2.35
N GLU A 9 -1.20 -1.28 2.14
CA GLU A 9 -0.16 -2.30 2.18
C GLU A 9 -0.16 -3.02 3.51
N ILE A 10 0.76 -3.98 3.66
CA ILE A 10 0.86 -4.75 4.89
C ILE A 10 1.98 -4.22 5.78
N PRO A 11 1.66 -3.98 7.06
CA PRO A 11 2.63 -3.48 8.04
C PRO A 11 3.69 -4.50 8.39
N ASP A 12 4.95 -4.16 8.13
CA ASP A 12 6.07 -5.05 8.41
C ASP A 12 7.20 -4.29 9.09
N LYS A 13 8.17 -5.04 9.61
CA LYS A 13 9.32 -4.44 10.29
C LYS A 13 10.36 -3.96 9.27
N THR A 14 10.13 -4.27 8.01
CA THR A 14 11.04 -3.87 6.95
C THR A 14 10.37 -2.92 5.97
N SER A 15 9.04 -2.98 5.91
CA SER A 15 8.28 -2.13 5.00
C SER A 15 7.38 -1.17 5.79
N ILE A 16 7.71 0.12 5.74
CA ILE A 16 6.95 1.13 6.45
C ILE A 16 6.46 2.21 5.49
N CYS A 17 5.44 2.95 5.91
CA CYS A 17 4.88 4.02 5.10
C CYS A 17 5.23 5.39 5.66
N ASN A 18 5.44 6.36 4.78
CA ASN A 18 5.78 7.71 5.20
C ASN A 18 4.56 8.62 5.17
N SER A 19 4.74 9.88 5.56
CA SER A 19 3.66 10.84 5.59
C SER A 19 3.09 11.05 4.19
N ASP A 20 1.93 11.71 4.12
CA ASP A 20 1.27 11.98 2.85
C ASP A 20 2.24 12.65 1.87
N ALA A 21 2.93 13.68 2.34
CA ALA A 21 3.87 14.41 1.51
C ALA A 21 5.18 13.65 1.37
N ASP A 22 5.27 12.51 2.05
CA ASP A 22 6.47 11.68 2.00
C ASP A 22 6.17 10.33 1.36
N CYS A 23 4.96 10.17 0.85
CA CYS A 23 4.55 8.93 0.20
C CYS A 23 4.21 9.16 -1.26
N THR A 24 4.80 8.36 -2.14
CA THR A 24 4.57 8.49 -3.57
C THR A 24 3.89 7.24 -4.12
N PRO A 25 3.04 7.43 -5.14
CA PRO A 25 2.30 6.32 -5.78
C PRO A 25 3.22 5.41 -6.58
N GLY A 26 2.64 4.35 -7.14
CA GLY A 26 3.42 3.41 -7.92
C GLY A 26 4.16 2.40 -7.06
N SER A 27 5.07 1.65 -7.67
CA SER A 27 5.84 0.65 -6.95
C SER A 27 6.82 -0.06 -7.89
N VAL A 28 7.42 -1.14 -7.39
CA VAL A 28 8.37 -1.91 -8.18
C VAL A 28 8.10 -3.40 -8.07
N ASP A 29 6.86 -3.75 -7.78
CA ASP A 29 6.46 -5.15 -7.63
C ASP A 29 5.85 -5.67 -8.92
N THR A 30 6.64 -6.39 -9.71
CA THR A 30 6.17 -6.94 -10.97
C THR A 30 5.23 -8.13 -10.74
N HIS A 31 5.44 -8.82 -9.63
CA HIS A 31 4.62 -9.97 -9.29
C HIS A 31 3.35 -9.55 -8.55
N SER A 32 3.50 -8.63 -7.60
CA SER A 32 2.38 -8.14 -6.82
C SER A 32 1.53 -7.17 -7.64
N SER A 33 2.16 -6.52 -8.62
CA SER A 33 1.47 -5.58 -9.48
C SER A 33 0.78 -4.49 -8.64
N GLY A 34 1.33 -4.22 -7.47
CA GLY A 34 0.75 -3.21 -6.59
C GLY A 34 1.20 -1.81 -6.96
N VAL A 35 0.23 -0.91 -7.10
CA VAL A 35 0.52 0.48 -7.45
C VAL A 35 0.09 1.43 -6.34
N ALA A 36 1.06 1.98 -5.63
CA ALA A 36 0.77 2.91 -4.54
C ALA A 36 -0.08 4.09 -5.03
N THR A 37 -0.92 4.60 -4.15
CA THR A 37 -1.80 5.72 -4.49
C THR A 37 -1.19 7.05 -4.05
N GLY A 38 -0.53 7.04 -2.89
CA GLY A 38 0.09 8.25 -2.39
C GLY A 38 -0.37 8.58 -0.98
N ARG A 39 -1.53 8.09 -0.60
CA ARG A 39 -2.08 8.34 0.73
C ARG A 39 -1.56 7.31 1.73
N CYS A 40 -1.39 7.74 2.98
CA CYS A 40 -0.90 6.86 4.03
C CYS A 40 -1.92 6.75 5.17
N VAL A 41 -2.00 5.58 5.78
CA VAL A 41 -2.92 5.35 6.89
C VAL A 41 -2.34 4.35 7.89
N PRO A 42 -2.68 4.56 9.18
CA PRO A 42 -2.20 3.70 10.26
C PRO A 42 -2.84 2.31 10.22
N PHE A 43 -2.26 1.43 9.42
CA PHE A 43 -2.78 0.06 9.29
C PHE A 43 -2.95 -0.59 10.66
N ASN A 44 -1.93 -0.47 11.49
CA ASN A 44 -1.97 -1.05 12.83
C ASN A 44 -1.88 0.04 13.90
N GLU A 45 -1.83 -0.38 15.16
CA GLU A 45 -1.75 0.56 16.27
C GLU A 45 -0.31 1.01 16.51
N SER A 46 0.64 0.15 16.11
CA SER A 46 2.05 0.44 16.28
C SER A 46 2.76 0.49 14.93
N VAL A 47 1.99 0.35 13.86
CA VAL A 47 2.54 0.36 12.51
C VAL A 47 1.59 1.03 11.53
N LYS A 48 2.14 1.63 10.49
CA LYS A 48 1.34 2.31 9.47
C LYS A 48 1.83 1.95 8.06
N THR A 49 0.89 1.90 7.12
CA THR A 49 1.23 1.57 5.74
C THR A 49 0.60 2.57 4.77
N CYS A 50 0.90 2.41 3.49
CA CYS A 50 0.37 3.30 2.46
C CYS A 50 -0.60 2.57 1.56
N GLU A 51 -1.47 3.33 0.88
CA GLU A 51 -2.46 2.75 -0.01
C GLU A 51 -1.80 2.22 -1.28
N VAL A 52 -2.30 1.09 -1.77
CA VAL A 52 -1.76 0.47 -2.98
C VAL A 52 -2.83 -0.30 -3.73
N ALA A 53 -2.77 -0.25 -5.06
CA ALA A 53 -3.74 -0.94 -5.89
C ALA A 53 -3.19 -2.28 -6.38
N ALA A 54 -3.68 -3.38 -5.80
CA ALA A 54 -3.24 -4.71 -6.18
C ALA A 54 -4.33 -5.74 -5.93
N TRP A 55 -3.99 -7.01 -6.10
CA TRP A 55 -4.94 -8.09 -5.91
C TRP A 55 -5.14 -8.38 -4.43
N CYS A 56 -6.27 -7.95 -3.89
CA CYS A 56 -6.58 -8.16 -2.47
C CYS A 56 -8.09 -8.21 -2.25
N PRO A 57 -8.50 -8.91 -1.18
CA PRO A 57 -9.92 -9.05 -0.83
C PRO A 57 -10.52 -7.74 -0.33
N VAL A 58 -11.83 -7.59 -0.51
CA VAL A 58 -12.52 -6.39 -0.07
C VAL A 58 -13.26 -6.62 1.24
N MET A 1 -14.19 -13.81 -14.28
CA MET A 1 -13.03 -12.93 -14.42
C MET A 1 -12.90 -12.02 -13.20
N GLN A 2 -11.74 -12.07 -12.55
CA GLN A 2 -11.49 -11.24 -11.37
C GLN A 2 -10.89 -9.90 -11.76
N THR A 3 -10.94 -8.94 -10.85
CA THR A 3 -10.41 -7.61 -11.10
C THR A 3 -9.65 -7.08 -9.89
N GLN A 4 -8.60 -6.31 -10.14
CA GLN A 4 -7.78 -5.75 -9.07
C GLN A 4 -8.55 -4.66 -8.33
N SER A 5 -8.37 -4.60 -7.01
CA SER A 5 -9.04 -3.60 -6.19
C SER A 5 -8.03 -2.72 -5.47
N THR A 6 -8.52 -1.68 -4.81
CA THR A 6 -7.66 -0.75 -4.07
C THR A 6 -7.73 -1.02 -2.58
N CYS A 7 -6.58 -0.90 -1.92
CA CYS A 7 -6.50 -1.12 -0.47
C CYS A 7 -5.08 -0.93 0.03
N PRO A 8 -4.95 -0.63 1.33
CA PRO A 8 -3.64 -0.41 1.97
C PRO A 8 -2.83 -1.69 2.08
N GLU A 9 -1.61 -1.66 1.56
CA GLU A 9 -0.73 -2.82 1.60
C GLU A 9 -0.62 -3.37 3.02
N ILE A 10 -0.17 -4.61 3.14
CA ILE A 10 -0.01 -5.24 4.44
C ILE A 10 1.26 -4.77 5.14
N PRO A 11 1.12 -4.40 6.43
CA PRO A 11 2.25 -3.92 7.23
C PRO A 11 3.25 -5.04 7.54
N ASP A 12 4.51 -4.82 7.15
CA ASP A 12 5.56 -5.80 7.40
C ASP A 12 6.82 -5.13 7.92
N LYS A 13 7.77 -5.94 8.36
CA LYS A 13 9.03 -5.41 8.89
C LYS A 13 9.99 -5.07 7.77
N THR A 14 9.61 -5.40 6.53
CA THR A 14 10.44 -5.11 5.37
C THR A 14 9.80 -4.04 4.49
N SER A 15 8.48 -3.96 4.54
CA SER A 15 7.75 -2.99 3.74
C SER A 15 7.04 -1.97 4.63
N ILE A 16 7.51 -0.73 4.59
CA ILE A 16 6.93 0.33 5.39
C ILE A 16 6.48 1.50 4.52
N CYS A 17 5.59 2.33 5.06
CA CYS A 17 5.09 3.49 4.33
C CYS A 17 5.65 4.79 4.92
N ASN A 18 5.87 5.77 4.05
CA ASN A 18 6.40 7.06 4.49
C ASN A 18 5.29 8.10 4.60
N SER A 19 5.65 9.30 5.02
CA SER A 19 4.69 10.38 5.17
C SER A 19 4.02 10.71 3.83
N ASP A 20 2.97 11.52 3.89
CA ASP A 20 2.25 11.92 2.69
C ASP A 20 3.20 12.52 1.66
N ALA A 21 4.10 13.38 2.13
CA ALA A 21 5.06 14.03 1.25
C ALA A 21 6.23 13.10 0.93
N ASP A 22 6.21 11.91 1.52
CA ASP A 22 7.26 10.94 1.31
C ASP A 22 6.71 9.69 0.61
N CYS A 23 5.43 9.70 0.31
CA CYS A 23 4.78 8.59 -0.35
C CYS A 23 4.21 9.00 -1.71
N THR A 24 4.57 8.25 -2.75
CA THR A 24 4.10 8.55 -4.10
C THR A 24 3.43 7.32 -4.73
N PRO A 25 2.45 7.57 -5.59
CA PRO A 25 1.71 6.50 -6.28
C PRO A 25 2.56 5.79 -7.32
N GLY A 26 1.92 4.93 -8.11
CA GLY A 26 2.64 4.19 -9.13
C GLY A 26 3.07 2.81 -8.66
N SER A 27 4.28 2.72 -8.15
CA SER A 27 4.80 1.44 -7.67
C SER A 27 5.96 1.66 -6.69
N VAL A 28 5.73 1.38 -5.42
CA VAL A 28 6.75 1.54 -4.40
C VAL A 28 7.12 0.20 -3.77
N ASP A 29 6.20 -0.76 -3.85
CA ASP A 29 6.42 -2.09 -3.29
C ASP A 29 6.56 -3.13 -4.39
N THR A 30 7.79 -3.40 -4.80
CA THR A 30 8.06 -4.38 -5.85
C THR A 30 7.47 -5.74 -5.50
N HIS A 31 7.29 -5.98 -4.20
CA HIS A 31 6.74 -7.24 -3.73
C HIS A 31 5.22 -7.25 -3.86
N SER A 32 4.62 -6.06 -3.87
CA SER A 32 3.17 -5.93 -3.99
C SER A 32 2.74 -5.99 -5.44
N SER A 33 3.58 -5.48 -6.33
CA SER A 33 3.27 -5.47 -7.76
C SER A 33 1.94 -4.79 -8.03
N GLY A 34 1.55 -3.90 -7.13
CA GLY A 34 0.29 -3.18 -7.29
C GLY A 34 0.48 -1.74 -7.72
N VAL A 35 -0.60 -0.99 -7.74
CA VAL A 35 -0.54 0.42 -8.14
C VAL A 35 -0.65 1.35 -6.94
N ALA A 36 0.49 1.90 -6.53
CA ALA A 36 0.53 2.81 -5.38
C ALA A 36 -0.41 3.99 -5.59
N THR A 37 -1.08 4.39 -4.51
CA THR A 37 -2.02 5.51 -4.57
C THR A 37 -1.36 6.80 -4.10
N GLY A 38 -0.46 6.69 -3.12
CA GLY A 38 0.22 7.85 -2.60
C GLY A 38 -0.22 8.20 -1.19
N ARG A 39 -1.48 7.94 -0.89
CA ARG A 39 -2.03 8.23 0.43
C ARG A 39 -1.55 7.20 1.46
N CYS A 40 -1.06 7.69 2.58
CA CYS A 40 -0.57 6.82 3.65
C CYS A 40 -1.51 6.83 4.84
N VAL A 41 -1.69 5.67 5.47
CA VAL A 41 -2.56 5.55 6.63
C VAL A 41 -2.04 4.50 7.60
N PRO A 42 -2.31 4.71 8.90
CA PRO A 42 -1.89 3.78 9.95
C PRO A 42 -2.63 2.45 9.91
N PHE A 43 -2.07 1.50 9.16
CA PHE A 43 -2.69 0.18 9.03
C PHE A 43 -2.85 -0.48 10.40
N ASN A 44 -1.76 -0.55 11.14
CA ASN A 44 -1.78 -1.16 12.47
C ASN A 44 -1.58 -0.11 13.56
N GLU A 45 -1.37 -0.57 14.79
CA GLU A 45 -1.16 0.33 15.92
C GLU A 45 0.21 1.01 15.83
N SER A 46 1.26 0.20 15.88
CA SER A 46 2.62 0.71 15.82
C SER A 46 3.20 0.54 14.42
N VAL A 47 2.34 0.53 13.42
CA VAL A 47 2.76 0.36 12.03
C VAL A 47 1.84 1.11 11.08
N LYS A 48 2.39 1.65 10.01
CA LYS A 48 1.62 2.38 9.02
C LYS A 48 2.01 1.96 7.60
N THR A 49 1.01 1.87 6.73
CA THR A 49 1.24 1.48 5.34
C THR A 49 0.66 2.50 4.37
N CYS A 50 0.90 2.29 3.08
CA CYS A 50 0.40 3.20 2.05
C CYS A 50 -0.67 2.51 1.20
N GLU A 51 -1.55 3.31 0.62
CA GLU A 51 -2.62 2.77 -0.22
C GLU A 51 -2.07 2.29 -1.56
N VAL A 52 -2.54 1.12 -1.99
CA VAL A 52 -2.08 0.54 -3.26
C VAL A 52 -3.20 -0.26 -3.92
N ALA A 53 -3.03 -0.56 -5.20
CA ALA A 53 -4.02 -1.32 -5.95
C ALA A 53 -3.54 -2.74 -6.22
N ALA A 54 -4.20 -3.71 -5.58
CA ALA A 54 -3.83 -5.11 -5.75
C ALA A 54 -5.04 -6.02 -5.55
N TRP A 55 -4.80 -7.32 -5.53
CA TRP A 55 -5.87 -8.29 -5.35
C TRP A 55 -6.22 -8.44 -3.87
N CYS A 56 -7.36 -7.86 -3.48
CA CYS A 56 -7.81 -7.93 -2.10
C CYS A 56 -9.33 -7.79 -2.01
N PRO A 57 -9.92 -8.36 -0.94
CA PRO A 57 -11.36 -8.31 -0.73
C PRO A 57 -11.85 -6.91 -0.38
N VAL A 58 -13.17 -6.72 -0.40
CA VAL A 58 -13.76 -5.43 -0.09
C VAL A 58 -14.40 -5.44 1.30
N MET A 1 -9.01 -15.30 -13.51
CA MET A 1 -9.64 -14.00 -13.63
C MET A 1 -9.56 -13.22 -12.32
N GLN A 2 -8.68 -12.23 -12.27
CA GLN A 2 -8.50 -11.42 -11.07
C GLN A 2 -9.15 -10.05 -11.25
N THR A 3 -9.01 -9.20 -10.23
CA THR A 3 -9.58 -7.86 -10.28
C THR A 3 -8.60 -6.83 -9.72
N GLN A 4 -8.86 -5.56 -10.01
CA GLN A 4 -8.00 -4.48 -9.53
C GLN A 4 -8.75 -3.56 -8.59
N SER A 5 -8.49 -3.70 -7.29
CA SER A 5 -9.15 -2.88 -6.28
C SER A 5 -8.13 -2.05 -5.51
N THR A 6 -8.63 -1.07 -4.75
CA THR A 6 -7.77 -0.20 -3.97
C THR A 6 -7.80 -0.58 -2.49
N CYS A 7 -6.64 -0.51 -1.84
CA CYS A 7 -6.53 -0.85 -0.43
C CYS A 7 -5.12 -0.62 0.09
N PRO A 8 -4.99 -0.42 1.40
CA PRO A 8 -3.69 -0.18 2.05
C PRO A 8 -2.81 -1.43 2.05
N GLU A 9 -1.63 -1.31 1.46
CA GLU A 9 -0.70 -2.43 1.40
C GLU A 9 -0.48 -3.04 2.78
N ILE A 10 -0.11 -4.32 2.81
CA ILE A 10 0.13 -5.01 4.06
C ILE A 10 1.42 -4.52 4.73
N PRO A 11 1.34 -4.23 6.03
CA PRO A 11 2.49 -3.74 6.80
C PRO A 11 3.54 -4.84 7.01
N ASP A 12 4.80 -4.46 6.89
CA ASP A 12 5.91 -5.41 7.07
C ASP A 12 7.00 -4.81 7.95
N LYS A 13 7.77 -5.67 8.60
CA LYS A 13 8.86 -5.23 9.47
C LYS A 13 9.97 -4.57 8.66
N THR A 14 9.92 -4.75 7.35
CA THR A 14 10.93 -4.19 6.45
C THR A 14 10.31 -3.14 5.52
N SER A 15 9.01 -3.25 5.30
CA SER A 15 8.30 -2.31 4.42
C SER A 15 7.38 -1.41 5.24
N ILE A 16 7.73 -0.13 5.29
CA ILE A 16 6.92 0.84 6.03
C ILE A 16 6.48 1.99 5.13
N CYS A 17 5.45 2.71 5.56
CA CYS A 17 4.93 3.84 4.80
C CYS A 17 5.29 5.16 5.45
N ASN A 18 5.55 6.17 4.63
CA ASN A 18 5.91 7.50 5.13
C ASN A 18 4.71 8.43 5.11
N SER A 19 4.91 9.66 5.58
CA SER A 19 3.84 10.64 5.62
C SER A 19 3.31 10.93 4.22
N ASP A 20 2.17 11.62 4.16
CA ASP A 20 1.56 11.96 2.88
C ASP A 20 2.55 12.69 1.97
N ALA A 21 3.28 13.63 2.56
CA ALA A 21 4.27 14.40 1.80
C ALA A 21 5.55 13.60 1.59
N ASP A 22 5.59 12.39 2.15
CA ASP A 22 6.76 11.53 2.03
C ASP A 22 6.38 10.21 1.36
N CYS A 23 5.15 10.13 0.85
CA CYS A 23 4.67 8.93 0.20
C CYS A 23 4.30 9.21 -1.26
N THR A 24 4.85 8.41 -2.17
CA THR A 24 4.58 8.58 -3.59
C THR A 24 3.82 7.38 -4.15
N PRO A 25 2.96 7.65 -5.15
CA PRO A 25 2.16 6.60 -5.79
C PRO A 25 3.01 5.65 -6.63
N GLY A 26 2.34 4.80 -7.41
CA GLY A 26 3.05 3.86 -8.26
C GLY A 26 3.80 2.81 -7.44
N SER A 27 5.10 3.03 -7.26
CA SER A 27 5.93 2.09 -6.50
C SER A 27 5.72 0.67 -6.99
N VAL A 28 5.80 0.50 -8.31
CA VAL A 28 5.63 -0.83 -8.92
C VAL A 28 6.53 -1.86 -8.25
N ASP A 29 5.93 -2.71 -7.42
CA ASP A 29 6.68 -3.75 -6.73
C ASP A 29 6.31 -5.13 -7.25
N THR A 30 7.27 -6.04 -7.24
CA THR A 30 7.05 -7.39 -7.72
C THR A 30 6.24 -8.20 -6.71
N HIS A 31 6.51 -7.98 -5.43
CA HIS A 31 5.80 -8.69 -4.37
C HIS A 31 4.51 -7.96 -4.00
N SER A 32 4.20 -6.89 -4.73
CA SER A 32 3.00 -6.10 -4.47
C SER A 32 2.05 -6.16 -5.66
N SER A 33 2.61 -6.02 -6.87
CA SER A 33 1.82 -6.04 -8.08
C SER A 33 0.70 -5.01 -8.02
N GLY A 34 0.91 -3.95 -7.25
CA GLY A 34 -0.08 -2.91 -7.11
C GLY A 34 0.46 -1.54 -7.45
N VAL A 35 -0.40 -0.53 -7.44
CA VAL A 35 0.00 0.83 -7.74
C VAL A 35 -0.34 1.78 -6.59
N ALA A 36 0.70 2.26 -5.91
CA ALA A 36 0.51 3.17 -4.80
C ALA A 36 -0.29 4.41 -5.21
N THR A 37 -1.11 4.92 -4.29
CA THR A 37 -1.93 6.08 -4.57
C THR A 37 -1.25 7.37 -4.08
N GLY A 38 -0.58 7.28 -2.94
CA GLY A 38 0.10 8.43 -2.38
C GLY A 38 -0.30 8.71 -0.94
N ARG A 39 -1.50 8.30 -0.57
CA ARG A 39 -1.99 8.50 0.78
C ARG A 39 -1.48 7.42 1.73
N CYS A 40 -1.28 7.79 2.98
CA CYS A 40 -0.80 6.84 3.99
C CYS A 40 -1.77 6.72 5.15
N VAL A 41 -1.86 5.52 5.72
CA VAL A 41 -2.76 5.27 6.83
C VAL A 41 -2.18 4.23 7.78
N PRO A 42 -2.46 4.39 9.08
CA PRO A 42 -1.96 3.47 10.12
C PRO A 42 -2.65 2.11 10.05
N PHE A 43 -2.14 1.24 9.20
CA PHE A 43 -2.69 -0.10 9.04
C PHE A 43 -2.83 -0.79 10.40
N ASN A 44 -1.90 -0.50 11.29
CA ASN A 44 -1.92 -1.10 12.63
C ASN A 44 -1.82 -0.02 13.70
N GLU A 45 -1.70 -0.47 14.96
CA GLU A 45 -1.60 0.46 16.08
C GLU A 45 -0.20 1.04 16.17
N SER A 46 0.80 0.27 15.75
CA SER A 46 2.18 0.72 15.79
C SER A 46 2.77 0.79 14.39
N VAL A 47 2.23 -0.01 13.48
CA VAL A 47 2.69 -0.03 12.10
C VAL A 47 1.75 0.73 11.19
N LYS A 48 2.29 1.29 10.11
CA LYS A 48 1.49 2.05 9.15
C LYS A 48 1.91 1.75 7.72
N THR A 49 0.94 1.74 6.81
CA THR A 49 1.22 1.46 5.41
C THR A 49 0.61 2.51 4.50
N CYS A 50 0.86 2.40 3.21
CA CYS A 50 0.32 3.35 2.24
C CYS A 50 -0.71 2.68 1.34
N GLU A 51 -1.56 3.50 0.71
CA GLU A 51 -2.60 2.99 -0.16
C GLU A 51 -2.00 2.47 -1.47
N VAL A 52 -2.56 1.38 -1.98
CA VAL A 52 -2.08 0.79 -3.23
C VAL A 52 -3.21 0.09 -3.98
N ALA A 53 -3.16 0.13 -5.30
CA ALA A 53 -4.17 -0.49 -6.14
C ALA A 53 -3.73 -1.86 -6.61
N ALA A 54 -4.31 -2.91 -6.03
CA ALA A 54 -3.97 -4.27 -6.40
C ALA A 54 -5.15 -5.21 -6.16
N TRP A 55 -4.91 -6.51 -6.33
CA TRP A 55 -5.94 -7.51 -6.14
C TRP A 55 -6.16 -7.79 -4.66
N CYS A 56 -7.26 -7.27 -4.11
CA CYS A 56 -7.58 -7.47 -2.71
C CYS A 56 -9.10 -7.41 -2.48
N PRO A 57 -9.56 -8.09 -1.42
CA PRO A 57 -10.99 -8.14 -1.07
C PRO A 57 -11.50 -6.79 -0.57
N VAL A 58 -12.76 -6.78 -0.14
CA VAL A 58 -13.38 -5.55 0.37
C VAL A 58 -14.06 -5.80 1.71
N MET A 1 -10.23 -11.63 -17.64
CA MET A 1 -11.12 -11.39 -16.50
C MET A 1 -10.32 -11.03 -15.26
N GLN A 2 -10.00 -9.75 -15.11
CA GLN A 2 -9.24 -9.27 -13.97
C GLN A 2 -10.00 -8.18 -13.23
N THR A 3 -9.54 -7.86 -12.01
CA THR A 3 -10.18 -6.84 -11.21
C THR A 3 -9.18 -6.19 -10.25
N GLN A 4 -9.14 -4.86 -10.25
CA GLN A 4 -8.22 -4.13 -9.39
C GLN A 4 -8.99 -3.25 -8.40
N SER A 5 -8.69 -3.40 -7.12
CA SER A 5 -9.35 -2.64 -6.08
C SER A 5 -8.34 -1.79 -5.30
N THR A 6 -8.86 -0.92 -4.44
CA THR A 6 -8.01 -0.05 -3.63
C THR A 6 -7.95 -0.52 -2.19
N CYS A 7 -6.77 -0.43 -1.59
CA CYS A 7 -6.57 -0.85 -0.20
C CYS A 7 -5.13 -0.66 0.22
N PRO A 8 -4.91 -0.55 1.55
CA PRO A 8 -3.58 -0.35 2.12
C PRO A 8 -2.71 -1.61 1.99
N GLU A 9 -1.47 -1.42 1.56
CA GLU A 9 -0.54 -2.53 1.39
C GLU A 9 -0.16 -3.11 2.75
N ILE A 10 -0.02 -4.44 2.81
CA ILE A 10 0.35 -5.12 4.04
C ILE A 10 1.66 -4.58 4.59
N PRO A 11 1.68 -4.28 5.90
CA PRO A 11 2.85 -3.76 6.58
C PRO A 11 3.97 -4.80 6.71
N ASP A 12 5.21 -4.34 6.69
CA ASP A 12 6.36 -5.22 6.80
C ASP A 12 7.38 -4.66 7.78
N LYS A 13 8.06 -5.56 8.50
CA LYS A 13 9.06 -5.16 9.47
C LYS A 13 10.21 -4.42 8.80
N THR A 14 10.31 -4.57 7.49
CA THR A 14 11.36 -3.91 6.71
C THR A 14 10.78 -2.90 5.73
N SER A 15 9.48 -2.99 5.50
CA SER A 15 8.80 -2.09 4.57
C SER A 15 7.79 -1.21 5.32
N ILE A 16 8.09 0.08 5.39
CA ILE A 16 7.20 1.02 6.08
C ILE A 16 6.79 2.15 5.13
N CYS A 17 5.71 2.84 5.50
CA CYS A 17 5.20 3.95 4.70
C CYS A 17 5.49 5.29 5.37
N ASN A 18 5.81 6.29 4.57
CA ASN A 18 6.10 7.63 5.09
C ASN A 18 4.89 8.54 4.95
N SER A 19 5.03 9.77 5.43
CA SER A 19 3.93 10.75 5.36
C SER A 19 3.53 11.01 3.91
N ASP A 20 2.40 11.67 3.73
CA ASP A 20 1.89 11.99 2.39
C ASP A 20 2.93 12.77 1.59
N ALA A 21 3.68 13.63 2.27
CA ALA A 21 4.70 14.44 1.62
C ALA A 21 5.97 13.63 1.42
N ASP A 22 5.96 12.39 1.88
CA ASP A 22 7.12 11.51 1.74
C ASP A 22 6.72 10.18 1.11
N CYS A 23 5.49 10.11 0.62
CA CYS A 23 4.99 8.89 0.00
C CYS A 23 4.62 9.13 -1.46
N THR A 24 5.16 8.30 -2.35
CA THR A 24 4.89 8.43 -3.78
C THR A 24 4.08 7.25 -4.30
N PRO A 25 3.24 7.51 -5.31
CA PRO A 25 2.39 6.48 -5.91
C PRO A 25 3.19 5.46 -6.71
N GLY A 26 2.49 4.61 -7.46
CA GLY A 26 3.15 3.61 -8.26
C GLY A 26 3.98 2.65 -7.44
N SER A 27 5.30 2.73 -7.57
CA SER A 27 6.21 1.86 -6.83
C SER A 27 5.80 0.39 -6.99
N VAL A 28 5.77 -0.06 -8.24
CA VAL A 28 5.40 -1.45 -8.53
C VAL A 28 6.23 -2.42 -7.69
N ASP A 29 5.54 -3.15 -6.80
CA ASP A 29 6.20 -4.12 -5.94
C ASP A 29 5.81 -5.54 -6.32
N THR A 30 6.75 -6.48 -6.17
CA THR A 30 6.50 -7.88 -6.50
C THR A 30 5.61 -8.53 -5.44
N HIS A 31 5.86 -8.20 -4.18
CA HIS A 31 5.09 -8.77 -3.07
C HIS A 31 3.84 -7.93 -2.81
N SER A 32 3.61 -6.93 -3.65
CA SER A 32 2.46 -6.05 -3.50
C SER A 32 1.52 -6.17 -4.69
N SER A 33 2.10 -6.18 -5.89
CA SER A 33 1.32 -6.29 -7.12
C SER A 33 0.26 -5.20 -7.19
N GLY A 34 0.52 -4.08 -6.51
CA GLY A 34 -0.42 -2.98 -6.51
C GLY A 34 0.23 -1.67 -6.90
N VAL A 35 -0.59 -0.63 -7.08
CA VAL A 35 -0.09 0.68 -7.46
C VAL A 35 -0.38 1.71 -6.38
N ALA A 36 0.69 2.17 -5.71
CA ALA A 36 0.54 3.16 -4.65
C ALA A 36 -0.19 4.40 -5.14
N THR A 37 -1.04 4.96 -4.29
CA THR A 37 -1.81 6.14 -4.65
C THR A 37 -1.12 7.41 -4.15
N GLY A 38 -0.48 7.31 -2.99
CA GLY A 38 0.22 8.45 -2.43
C GLY A 38 -0.16 8.69 -0.98
N ARG A 39 -1.41 8.41 -0.63
CA ARG A 39 -1.89 8.61 0.72
C ARG A 39 -1.36 7.52 1.65
N CYS A 40 -1.04 7.90 2.88
CA CYS A 40 -0.52 6.96 3.86
C CYS A 40 -1.45 6.86 5.07
N VAL A 41 -1.56 5.67 5.63
CA VAL A 41 -2.42 5.44 6.79
C VAL A 41 -1.86 4.33 7.67
N PRO A 42 -2.09 4.45 8.99
CA PRO A 42 -1.63 3.47 9.97
C PRO A 42 -2.37 2.13 9.86
N PHE A 43 -1.80 1.21 9.09
CA PHE A 43 -2.42 -0.10 8.89
C PHE A 43 -2.73 -0.75 10.23
N ASN A 44 -1.90 -0.47 11.23
CA ASN A 44 -2.09 -1.04 12.56
C ASN A 44 -1.71 -0.03 13.64
N GLU A 45 -1.62 -0.50 14.88
CA GLU A 45 -1.27 0.37 16.00
C GLU A 45 0.25 0.40 16.19
N SER A 46 0.94 -0.56 15.61
CA SER A 46 2.40 -0.64 15.72
C SER A 46 3.04 -0.69 14.34
N VAL A 47 2.37 -0.09 13.36
CA VAL A 47 2.89 -0.07 11.98
C VAL A 47 2.00 0.79 11.08
N LYS A 48 2.59 1.32 10.02
CA LYS A 48 1.86 2.16 9.08
C LYS A 48 2.25 1.83 7.64
N THR A 49 1.27 1.86 6.75
CA THR A 49 1.52 1.57 5.34
C THR A 49 0.88 2.62 4.44
N CYS A 50 1.09 2.49 3.13
CA CYS A 50 0.53 3.42 2.17
C CYS A 50 -0.56 2.76 1.33
N GLU A 51 -1.53 3.54 0.90
CA GLU A 51 -2.64 3.03 0.10
C GLU A 51 -2.17 2.71 -1.32
N VAL A 52 -2.61 1.57 -1.84
CA VAL A 52 -2.24 1.15 -3.18
C VAL A 52 -3.44 0.58 -3.93
N ALA A 53 -3.22 0.22 -5.19
CA ALA A 53 -4.29 -0.34 -6.02
C ALA A 53 -3.95 -1.76 -6.47
N ALA A 54 -4.58 -2.74 -5.84
CA ALA A 54 -4.34 -4.14 -6.18
C ALA A 54 -5.57 -4.99 -5.87
N TRP A 55 -5.43 -6.30 -6.05
CA TRP A 55 -6.53 -7.23 -5.78
C TRP A 55 -6.56 -7.63 -4.31
N CYS A 56 -7.51 -7.07 -3.57
CA CYS A 56 -7.66 -7.38 -2.15
C CYS A 56 -8.78 -8.39 -1.92
N PRO A 57 -8.75 -9.05 -0.76
CA PRO A 57 -9.76 -10.04 -0.39
C PRO A 57 -11.12 -9.41 -0.11
N VAL A 58 -12.18 -10.12 -0.50
CA VAL A 58 -13.54 -9.63 -0.31
C VAL A 58 -13.86 -9.52 1.17
N MET A 1 -10.72 -15.45 -12.69
CA MET A 1 -10.70 -14.04 -13.03
C MET A 1 -10.45 -13.18 -11.79
N GLN A 2 -9.50 -12.26 -11.89
CA GLN A 2 -9.17 -11.37 -10.78
C GLN A 2 -9.76 -9.99 -10.99
N THR A 3 -9.51 -9.10 -10.03
CA THR A 3 -10.02 -7.73 -10.11
C THR A 3 -9.00 -6.73 -9.57
N GLN A 4 -9.22 -5.46 -9.88
CA GLN A 4 -8.31 -4.41 -9.43
C GLN A 4 -9.03 -3.45 -8.47
N SER A 5 -8.77 -3.60 -7.19
CA SER A 5 -9.39 -2.76 -6.17
C SER A 5 -8.33 -1.94 -5.42
N THR A 6 -8.79 -1.01 -4.59
CA THR A 6 -7.90 -0.17 -3.81
C THR A 6 -7.83 -0.62 -2.36
N CYS A 7 -6.62 -0.56 -1.79
CA CYS A 7 -6.42 -0.96 -0.40
C CYS A 7 -4.98 -0.70 0.03
N PRO A 8 -4.77 -0.57 1.35
CA PRO A 8 -3.45 -0.32 1.92
C PRO A 8 -2.54 -1.54 1.80
N GLU A 9 -1.27 -1.29 1.49
CA GLU A 9 -0.28 -2.36 1.34
C GLU A 9 -0.15 -3.15 2.63
N ILE A 10 0.23 -4.41 2.51
CA ILE A 10 0.41 -5.27 3.68
C ILE A 10 1.59 -4.82 4.53
N PRO A 11 1.32 -4.56 5.82
CA PRO A 11 2.34 -4.11 6.77
C PRO A 11 3.35 -5.21 7.10
N ASP A 12 4.61 -4.83 7.23
CA ASP A 12 5.67 -5.80 7.55
C ASP A 12 6.58 -5.25 8.64
N LYS A 13 7.10 -6.15 9.46
CA LYS A 13 8.00 -5.77 10.56
C LYS A 13 9.29 -5.16 10.02
N THR A 14 9.53 -5.36 8.72
CA THR A 14 10.73 -4.83 8.09
C THR A 14 10.38 -3.87 6.96
N SER A 15 9.11 -3.87 6.56
CA SER A 15 8.64 -3.00 5.49
C SER A 15 7.62 -1.99 6.02
N ILE A 16 8.01 -0.72 6.06
CA ILE A 16 7.13 0.33 6.54
C ILE A 16 6.98 1.44 5.50
N CYS A 17 5.92 2.22 5.63
CA CYS A 17 5.65 3.32 4.70
C CYS A 17 5.90 4.67 5.36
N ASN A 18 6.25 5.66 4.56
CA ASN A 18 6.52 7.01 5.07
C ASN A 18 5.32 7.92 4.84
N SER A 19 5.44 9.17 5.28
CA SER A 19 4.36 10.14 5.13
C SER A 19 4.04 10.38 3.66
N ASP A 20 2.94 11.08 3.40
CA ASP A 20 2.54 11.38 2.03
C ASP A 20 3.65 12.11 1.28
N ALA A 21 4.39 12.94 2.00
CA ALA A 21 5.49 13.70 1.40
C ALA A 21 6.65 12.79 1.04
N ASP A 22 6.59 11.55 1.50
CA ASP A 22 7.64 10.58 1.23
C ASP A 22 7.10 9.39 0.44
N CYS A 23 5.80 9.40 0.20
CA CYS A 23 5.15 8.32 -0.55
C CYS A 23 4.51 8.86 -1.82
N THR A 24 4.85 8.23 -2.95
CA THR A 24 4.31 8.65 -4.24
C THR A 24 3.53 7.51 -4.90
N PRO A 25 2.51 7.87 -5.68
CA PRO A 25 1.67 6.90 -6.39
C PRO A 25 2.42 6.20 -7.52
N GLY A 26 1.67 5.44 -8.33
CA GLY A 26 2.28 4.73 -9.43
C GLY A 26 2.71 3.32 -9.06
N SER A 27 3.93 3.18 -8.54
CA SER A 27 4.45 1.88 -8.14
C SER A 27 5.34 2.00 -6.92
N VAL A 28 5.12 1.13 -5.94
CA VAL A 28 5.90 1.14 -4.71
C VAL A 28 6.39 -0.26 -4.36
N ASP A 29 5.52 -1.25 -4.54
CA ASP A 29 5.85 -2.63 -4.25
C ASP A 29 5.93 -3.46 -5.52
N THR A 30 7.16 -3.70 -5.98
CA THR A 30 7.38 -4.47 -7.20
C THR A 30 6.73 -5.84 -7.10
N HIS A 31 6.55 -6.32 -5.87
CA HIS A 31 5.94 -7.62 -5.64
C HIS A 31 4.42 -7.53 -5.71
N SER A 32 3.89 -6.34 -5.48
CA SER A 32 2.44 -6.12 -5.53
C SER A 32 1.97 -5.87 -6.95
N SER A 33 2.81 -5.20 -7.74
CA SER A 33 2.48 -4.88 -9.12
C SER A 33 1.19 -4.08 -9.20
N GLY A 34 0.87 -3.37 -8.14
CA GLY A 34 -0.33 -2.57 -8.10
C GLY A 34 -0.07 -1.11 -8.42
N VAL A 35 -1.12 -0.29 -8.32
CA VAL A 35 -1.00 1.14 -8.60
C VAL A 35 -0.97 1.95 -7.30
N ALA A 36 0.22 2.40 -6.93
CA ALA A 36 0.39 3.19 -5.72
C ALA A 36 -0.52 4.42 -5.73
N THR A 37 -1.04 4.78 -4.56
CA THR A 37 -1.92 5.94 -4.44
C THR A 37 -1.15 7.18 -4.00
N GLY A 38 -0.02 6.96 -3.32
CA GLY A 38 0.78 8.07 -2.85
C GLY A 38 0.48 8.44 -1.42
N ARG A 39 -0.71 8.07 -0.95
CA ARG A 39 -1.12 8.37 0.42
C ARG A 39 -0.87 7.18 1.34
N CYS A 40 -0.12 7.43 2.41
CA CYS A 40 0.22 6.39 3.38
C CYS A 40 -0.59 6.55 4.65
N VAL A 41 -0.86 5.44 5.33
CA VAL A 41 -1.62 5.46 6.56
C VAL A 41 -1.18 4.34 7.51
N PRO A 42 -1.37 4.56 8.81
CA PRO A 42 -1.00 3.58 9.85
C PRO A 42 -1.89 2.35 9.81
N PHE A 43 -1.49 1.36 9.01
CA PHE A 43 -2.25 0.12 8.90
C PHE A 43 -2.53 -0.47 10.27
N ASN A 44 -1.48 -0.67 11.06
CA ASN A 44 -1.63 -1.23 12.39
C ASN A 44 -1.37 -0.18 13.46
N GLU A 45 -1.26 -0.61 14.71
CA GLU A 45 -1.01 0.29 15.82
C GLU A 45 0.45 0.73 15.85
N SER A 46 1.34 -0.17 15.45
CA SER A 46 2.77 0.11 15.44
C SER A 46 3.36 -0.10 14.05
N VAL A 47 2.51 0.00 13.03
CA VAL A 47 2.94 -0.18 11.65
C VAL A 47 2.19 0.75 10.71
N LYS A 48 2.84 1.12 9.61
CA LYS A 48 2.24 2.01 8.62
C LYS A 48 2.56 1.55 7.21
N THR A 49 1.54 1.53 6.35
CA THR A 49 1.71 1.11 4.97
C THR A 49 1.23 2.18 4.00
N CYS A 50 1.40 1.93 2.71
CA CYS A 50 0.98 2.88 1.68
C CYS A 50 -0.18 2.33 0.87
N GLU A 51 -1.07 3.22 0.45
CA GLU A 51 -2.24 2.82 -0.33
C GLU A 51 -1.83 2.44 -1.76
N VAL A 52 -2.42 1.36 -2.27
CA VAL A 52 -2.11 0.89 -3.61
C VAL A 52 -3.34 0.24 -4.25
N ALA A 53 -3.26 0.02 -5.56
CA ALA A 53 -4.36 -0.60 -6.29
C ALA A 53 -3.99 -2.01 -6.75
N ALA A 54 -4.59 -3.02 -6.11
CA ALA A 54 -4.32 -4.40 -6.45
C ALA A 54 -5.52 -5.29 -6.14
N TRP A 55 -5.35 -6.60 -6.28
CA TRP A 55 -6.42 -7.54 -6.02
C TRP A 55 -6.58 -7.77 -4.52
N CYS A 56 -7.64 -7.19 -3.95
CA CYS A 56 -7.91 -7.32 -2.52
C CYS A 56 -9.21 -8.09 -2.29
N PRO A 57 -9.37 -8.63 -1.07
CA PRO A 57 -10.56 -9.40 -0.69
C PRO A 57 -11.80 -8.52 -0.58
N VAL A 58 -12.76 -8.74 -1.46
CA VAL A 58 -14.00 -7.97 -1.46
C VAL A 58 -15.01 -8.56 -0.48
N MET A 1 -10.26 -15.73 -12.31
CA MET A 1 -10.69 -14.36 -12.50
C MET A 1 -9.97 -13.42 -11.53
N GLN A 2 -9.27 -12.43 -12.08
CA GLN A 2 -8.55 -11.47 -11.25
C GLN A 2 -9.02 -10.05 -11.53
N THR A 3 -8.88 -9.18 -10.52
CA THR A 3 -9.30 -7.78 -10.66
C THR A 3 -8.33 -6.85 -9.93
N GLN A 4 -8.42 -5.57 -10.24
CA GLN A 4 -7.55 -4.56 -9.62
C GLN A 4 -8.38 -3.56 -8.82
N SER A 5 -8.30 -3.65 -7.49
CA SER A 5 -9.03 -2.75 -6.63
C SER A 5 -8.09 -1.87 -5.82
N THR A 6 -8.64 -0.90 -5.10
CA THR A 6 -7.85 0.01 -4.30
C THR A 6 -7.91 -0.35 -2.82
N CYS A 7 -6.79 -0.24 -2.13
CA CYS A 7 -6.71 -0.56 -0.71
C CYS A 7 -5.31 -0.32 -0.17
N PRO A 8 -5.22 -0.11 1.16
CA PRO A 8 -3.93 0.13 1.83
C PRO A 8 -3.06 -1.12 1.86
N GLU A 9 -1.81 -0.97 1.42
CA GLU A 9 -0.87 -2.09 1.40
C GLU A 9 -0.80 -2.76 2.77
N ILE A 10 -0.32 -4.00 2.79
CA ILE A 10 -0.19 -4.75 4.03
C ILE A 10 1.11 -4.40 4.76
N PRO A 11 1.00 -4.14 6.07
CA PRO A 11 2.16 -3.79 6.90
C PRO A 11 3.10 -4.97 7.12
N ASP A 12 4.37 -4.78 6.80
CA ASP A 12 5.36 -5.83 6.95
C ASP A 12 6.63 -5.27 7.60
N LYS A 13 7.54 -6.18 7.97
CA LYS A 13 8.79 -5.78 8.60
C LYS A 13 9.81 -5.35 7.55
N THR A 14 9.46 -5.52 6.28
CA THR A 14 10.35 -5.15 5.18
C THR A 14 9.71 -4.07 4.31
N SER A 15 8.39 -4.00 4.33
CA SER A 15 7.65 -3.02 3.53
C SER A 15 6.96 -2.01 4.44
N ILE A 16 7.44 -0.77 4.41
CA ILE A 16 6.85 0.29 5.22
C ILE A 16 6.41 1.47 4.36
N CYS A 17 5.54 2.31 4.91
CA CYS A 17 5.04 3.47 4.19
C CYS A 17 5.62 4.76 4.78
N ASN A 18 5.87 5.73 3.93
CA ASN A 18 6.42 7.02 4.36
C ASN A 18 5.32 8.07 4.48
N SER A 19 5.71 9.27 4.90
CA SER A 19 4.76 10.37 5.06
C SER A 19 4.07 10.70 3.73
N ASP A 20 2.99 11.45 3.80
CA ASP A 20 2.24 11.83 2.62
C ASP A 20 3.17 12.46 1.57
N ALA A 21 4.17 13.20 2.04
CA ALA A 21 5.13 13.85 1.16
C ALA A 21 6.28 12.91 0.80
N ASP A 22 6.48 11.89 1.64
CA ASP A 22 7.54 10.92 1.42
C ASP A 22 7.01 9.68 0.70
N CYS A 23 5.73 9.73 0.32
CA CYS A 23 5.11 8.62 -0.38
C CYS A 23 4.64 9.05 -1.78
N THR A 24 5.05 8.28 -2.79
CA THR A 24 4.68 8.58 -4.17
C THR A 24 3.94 7.41 -4.80
N PRO A 25 3.01 7.71 -5.73
CA PRO A 25 2.22 6.70 -6.42
C PRO A 25 3.06 5.88 -7.40
N GLY A 26 2.40 5.08 -8.22
CA GLY A 26 3.10 4.26 -9.18
C GLY A 26 3.39 2.86 -8.66
N SER A 27 4.52 2.73 -7.97
CA SER A 27 4.93 1.44 -7.41
C SER A 27 5.69 1.63 -6.11
N VAL A 28 5.29 0.89 -5.09
CA VAL A 28 5.93 0.97 -3.78
C VAL A 28 6.30 -0.42 -3.26
N ASP A 29 5.41 -1.39 -3.49
CA ASP A 29 5.64 -2.75 -3.05
C ASP A 29 5.86 -3.68 -4.23
N THR A 30 7.12 -4.00 -4.51
CA THR A 30 7.47 -4.87 -5.62
C THR A 30 6.77 -6.22 -5.49
N HIS A 31 6.40 -6.57 -4.27
CA HIS A 31 5.72 -7.85 -4.02
C HIS A 31 4.23 -7.73 -4.32
N SER A 32 3.70 -6.52 -4.22
CA SER A 32 2.28 -6.29 -4.48
C SER A 32 2.04 -6.10 -5.98
N SER A 33 2.98 -5.45 -6.66
CA SER A 33 2.86 -5.20 -8.09
C SER A 33 1.63 -4.36 -8.39
N GLY A 34 1.17 -3.61 -7.39
CA GLY A 34 0.00 -2.76 -7.57
C GLY A 34 0.35 -1.34 -7.97
N VAL A 35 -0.66 -0.51 -8.15
CA VAL A 35 -0.44 0.89 -8.52
C VAL A 35 -0.55 1.80 -7.31
N ALA A 36 0.60 2.25 -6.81
CA ALA A 36 0.63 3.14 -5.65
C ALA A 36 -0.19 4.40 -5.90
N THR A 37 -0.93 4.84 -4.88
CA THR A 37 -1.75 6.03 -4.99
C THR A 37 -1.02 7.26 -4.48
N GLY A 38 -0.21 7.07 -3.44
CA GLY A 38 0.54 8.18 -2.86
C GLY A 38 0.13 8.48 -1.44
N ARG A 39 -1.13 8.20 -1.12
CA ARG A 39 -1.65 8.44 0.23
C ARG A 39 -1.14 7.40 1.20
N CYS A 40 -0.98 7.80 2.46
CA CYS A 40 -0.50 6.89 3.50
C CYS A 40 -1.44 6.89 4.70
N VAL A 41 -1.62 5.73 5.30
CA VAL A 41 -2.50 5.58 6.46
C VAL A 41 -2.00 4.50 7.40
N PRO A 42 -2.23 4.69 8.71
CA PRO A 42 -1.80 3.74 9.75
C PRO A 42 -2.60 2.44 9.69
N PHE A 43 -2.16 1.51 8.86
CA PHE A 43 -2.83 0.22 8.72
C PHE A 43 -2.99 -0.46 10.07
N ASN A 44 -1.88 -0.64 10.77
CA ASN A 44 -1.89 -1.28 12.08
C ASN A 44 -1.74 -0.25 13.19
N GLU A 45 -1.52 -0.74 14.41
CA GLU A 45 -1.35 0.14 15.56
C GLU A 45 0.03 0.78 15.56
N SER A 46 1.07 -0.06 15.50
CA SER A 46 2.45 0.43 15.50
C SER A 46 3.05 0.34 14.10
N VAL A 47 2.19 0.29 13.09
CA VAL A 47 2.64 0.20 11.72
C VAL A 47 1.72 0.98 10.77
N LYS A 48 2.28 1.48 9.68
CA LYS A 48 1.52 2.24 8.71
C LYS A 48 1.90 1.86 7.28
N THR A 49 0.92 1.81 6.40
CA THR A 49 1.15 1.46 5.00
C THR A 49 0.63 2.54 4.06
N CYS A 50 0.90 2.37 2.77
CA CYS A 50 0.44 3.34 1.77
C CYS A 50 -0.64 2.74 0.88
N GLU A 51 -1.52 3.59 0.37
CA GLU A 51 -2.61 3.15 -0.48
C GLU A 51 -2.08 2.75 -1.86
N VAL A 52 -2.55 1.61 -2.36
CA VAL A 52 -2.13 1.12 -3.66
C VAL A 52 -3.28 0.44 -4.39
N ALA A 53 -3.06 0.11 -5.66
CA ALA A 53 -4.08 -0.53 -6.48
C ALA A 53 -3.70 -1.98 -6.79
N ALA A 54 -4.32 -2.92 -6.10
CA ALA A 54 -4.04 -4.34 -6.30
C ALA A 54 -5.26 -5.19 -5.96
N TRP A 55 -5.09 -6.51 -5.98
CA TRP A 55 -6.17 -7.43 -5.68
C TRP A 55 -6.16 -7.79 -4.20
N CYS A 56 -7.11 -7.23 -3.45
CA CYS A 56 -7.22 -7.50 -2.02
C CYS A 56 -8.62 -7.99 -1.66
N PRO A 57 -8.73 -8.70 -0.54
CA PRO A 57 -10.00 -9.23 -0.06
C PRO A 57 -10.95 -8.15 0.44
N VAL A 58 -12.10 -8.02 -0.23
CA VAL A 58 -13.08 -7.01 0.14
C VAL A 58 -14.38 -7.66 0.58
N MET A 1 -14.06 -15.11 -11.41
CA MET A 1 -13.47 -13.94 -12.03
C MET A 1 -13.29 -12.80 -11.02
N GLN A 2 -12.12 -12.18 -11.03
CA GLN A 2 -11.84 -11.08 -10.12
C GLN A 2 -11.28 -9.88 -10.86
N THR A 3 -10.93 -8.83 -10.12
CA THR A 3 -10.39 -7.62 -10.72
C THR A 3 -9.49 -6.88 -9.73
N GLN A 4 -8.63 -6.00 -10.25
CA GLN A 4 -7.73 -5.23 -9.42
C GLN A 4 -8.48 -4.15 -8.66
N SER A 5 -8.34 -4.16 -7.33
CA SER A 5 -9.00 -3.16 -6.49
C SER A 5 -7.99 -2.34 -5.71
N THR A 6 -8.47 -1.31 -5.02
CA THR A 6 -7.61 -0.44 -4.23
C THR A 6 -7.71 -0.76 -2.74
N CYS A 7 -6.58 -0.71 -2.05
CA CYS A 7 -6.55 -0.98 -0.62
C CYS A 7 -5.18 -0.69 -0.04
N PRO A 8 -5.13 -0.44 1.28
CA PRO A 8 -3.88 -0.13 1.99
C PRO A 8 -2.98 -1.35 2.09
N GLU A 9 -1.76 -1.23 1.57
CA GLU A 9 -0.80 -2.32 1.61
C GLU A 9 -0.63 -2.86 3.03
N ILE A 10 0.02 -4.00 3.15
CA ILE A 10 0.24 -4.61 4.45
C ILE A 10 1.61 -4.23 5.02
N PRO A 11 1.63 -3.79 6.29
CA PRO A 11 2.85 -3.38 6.97
C PRO A 11 3.77 -4.56 7.26
N ASP A 12 4.99 -4.51 6.73
CA ASP A 12 5.96 -5.58 6.94
C ASP A 12 7.34 -5.00 7.27
N LYS A 13 8.17 -5.81 7.93
CA LYS A 13 9.50 -5.38 8.30
C LYS A 13 10.33 -5.01 7.08
N THR A 14 9.89 -5.47 5.91
CA THR A 14 10.59 -5.19 4.67
C THR A 14 9.85 -4.13 3.85
N SER A 15 8.53 -4.07 4.03
CA SER A 15 7.71 -3.09 3.32
C SER A 15 7.04 -2.13 4.29
N ILE A 16 7.51 -0.88 4.28
CA ILE A 16 6.96 0.15 5.15
C ILE A 16 6.53 1.37 4.36
N CYS A 17 5.64 2.16 4.95
CA CYS A 17 5.15 3.38 4.30
C CYS A 17 5.72 4.63 4.96
N ASN A 18 5.94 5.66 4.18
CA ASN A 18 6.49 6.91 4.69
C ASN A 18 5.38 7.95 4.91
N SER A 19 5.76 9.13 5.38
CA SER A 19 4.80 10.19 5.63
C SER A 19 4.09 10.58 4.35
N ASP A 20 3.01 11.36 4.49
CA ASP A 20 2.23 11.81 3.34
C ASP A 20 3.13 12.47 2.31
N ALA A 21 3.97 13.40 2.76
CA ALA A 21 4.88 14.11 1.86
C ALA A 21 6.09 13.24 1.52
N ASP A 22 6.14 12.05 2.10
CA ASP A 22 7.25 11.12 1.85
C ASP A 22 6.76 9.89 1.10
N CYS A 23 5.49 9.89 0.73
CA CYS A 23 4.90 8.77 0.00
C CYS A 23 4.40 9.21 -1.37
N THR A 24 4.84 8.50 -2.40
CA THR A 24 4.44 8.82 -3.77
C THR A 24 3.81 7.61 -4.45
N PRO A 25 2.86 7.88 -5.38
CA PRO A 25 2.17 6.82 -6.11
C PRO A 25 3.08 6.12 -7.11
N GLY A 26 2.49 5.24 -7.92
CA GLY A 26 3.27 4.50 -8.91
C GLY A 26 3.55 3.08 -8.48
N SER A 27 4.67 2.88 -7.78
CA SER A 27 5.05 1.56 -7.32
C SER A 27 5.73 1.64 -5.95
N VAL A 28 5.32 0.74 -5.05
CA VAL A 28 5.90 0.71 -3.70
C VAL A 28 6.21 -0.72 -3.27
N ASP A 29 5.29 -1.63 -3.58
CA ASP A 29 5.46 -3.03 -3.23
C ASP A 29 5.68 -3.89 -4.47
N THR A 30 6.86 -4.48 -4.59
CA THR A 30 7.20 -5.32 -5.73
C THR A 30 6.47 -6.65 -5.66
N HIS A 31 6.11 -7.06 -4.44
CA HIS A 31 5.41 -8.33 -4.24
C HIS A 31 3.91 -8.16 -4.49
N SER A 32 3.42 -6.94 -4.33
CA SER A 32 2.01 -6.65 -4.54
C SER A 32 1.67 -6.63 -6.03
N SER A 33 2.63 -6.21 -6.84
CA SER A 33 2.43 -6.14 -8.29
C SER A 33 1.31 -5.16 -8.63
N GLY A 34 1.06 -4.20 -7.74
CA GLY A 34 0.03 -3.22 -7.97
C GLY A 34 0.58 -1.84 -8.22
N VAL A 35 -0.28 -0.83 -8.16
CA VAL A 35 0.13 0.56 -8.39
C VAL A 35 -0.14 1.41 -7.15
N ALA A 36 0.94 1.99 -6.61
CA ALA A 36 0.82 2.84 -5.44
C ALA A 36 -0.13 4.01 -5.68
N THR A 37 -0.84 4.43 -4.63
CA THR A 37 -1.78 5.53 -4.74
C THR A 37 -1.15 6.84 -4.29
N GLY A 38 -0.19 6.75 -3.38
CA GLY A 38 0.46 7.94 -2.87
C GLY A 38 0.07 8.27 -1.45
N ARG A 39 -1.21 8.05 -1.13
CA ARG A 39 -1.72 8.34 0.21
C ARG A 39 -1.25 7.28 1.21
N CYS A 40 -0.99 7.71 2.44
CA CYS A 40 -0.53 6.80 3.48
C CYS A 40 -1.52 6.79 4.65
N VAL A 41 -1.67 5.62 5.27
CA VAL A 41 -2.58 5.47 6.40
C VAL A 41 -2.09 4.40 7.36
N PRO A 42 -2.40 4.57 8.65
CA PRO A 42 -1.99 3.63 9.70
C PRO A 42 -2.74 2.30 9.60
N PHE A 43 -2.20 1.36 8.83
CA PHE A 43 -2.82 0.06 8.65
C PHE A 43 -3.05 -0.62 9.99
N ASN A 44 -2.24 -0.25 10.98
CA ASN A 44 -2.36 -0.83 12.32
C ASN A 44 -2.04 0.22 13.39
N GLU A 45 -2.12 -0.20 14.65
CA GLU A 45 -1.84 0.70 15.77
C GLU A 45 -0.35 0.69 16.11
N SER A 46 0.39 -0.23 15.49
CA SER A 46 1.81 -0.34 15.73
C SER A 46 2.61 -0.05 14.46
N VAL A 47 1.98 -0.29 13.31
CA VAL A 47 2.63 -0.06 12.02
C VAL A 47 1.69 0.67 11.07
N LYS A 48 2.26 1.20 9.98
CA LYS A 48 1.47 1.92 8.99
C LYS A 48 1.91 1.55 7.58
N THR A 49 0.99 1.67 6.62
CA THR A 49 1.27 1.35 5.22
C THR A 49 0.71 2.41 4.28
N CYS A 50 0.97 2.24 3.00
CA CYS A 50 0.49 3.18 1.99
C CYS A 50 -0.57 2.54 1.11
N GLU A 51 -1.41 3.36 0.50
CA GLU A 51 -2.48 2.88 -0.38
C GLU A 51 -1.90 2.36 -1.69
N VAL A 52 -2.40 1.22 -2.15
CA VAL A 52 -1.94 0.61 -3.40
C VAL A 52 -3.07 -0.12 -4.10
N ALA A 53 -3.02 -0.13 -5.43
CA ALA A 53 -4.04 -0.81 -6.23
C ALA A 53 -3.56 -2.20 -6.67
N ALA A 54 -4.15 -3.23 -6.08
CA ALA A 54 -3.79 -4.60 -6.41
C ALA A 54 -4.96 -5.54 -6.17
N TRP A 55 -4.70 -6.85 -6.31
CA TRP A 55 -5.74 -7.86 -6.10
C TRP A 55 -5.99 -8.09 -4.62
N CYS A 56 -7.10 -7.56 -4.12
CA CYS A 56 -7.46 -7.71 -2.72
C CYS A 56 -8.97 -7.63 -2.53
N PRO A 57 -9.47 -8.26 -1.47
CA PRO A 57 -10.90 -8.27 -1.14
C PRO A 57 -11.40 -6.90 -0.68
N VAL A 58 -10.55 -6.18 0.05
CA VAL A 58 -10.91 -4.86 0.55
C VAL A 58 -10.57 -3.78 -0.48
N MET A 1 -11.31 -14.18 -14.88
CA MET A 1 -10.52 -13.04 -14.43
C MET A 1 -11.32 -12.16 -13.48
N GLN A 2 -10.62 -11.31 -12.73
CA GLN A 2 -11.26 -10.41 -11.79
C GLN A 2 -10.79 -8.98 -12.00
N THR A 3 -11.27 -8.07 -11.14
CA THR A 3 -10.90 -6.66 -11.23
C THR A 3 -9.99 -6.25 -10.07
N GLN A 4 -9.03 -5.39 -10.36
CA GLN A 4 -8.10 -4.92 -9.34
C GLN A 4 -8.80 -3.98 -8.36
N SER A 5 -8.50 -4.14 -7.08
CA SER A 5 -9.10 -3.31 -6.04
C SER A 5 -8.03 -2.53 -5.28
N THR A 6 -8.46 -1.62 -4.42
CA THR A 6 -7.55 -0.80 -3.64
C THR A 6 -7.52 -1.25 -2.18
N CYS A 7 -6.33 -1.23 -1.58
CA CYS A 7 -6.17 -1.65 -0.19
C CYS A 7 -4.76 -1.36 0.30
N PRO A 8 -4.61 -1.23 1.63
CA PRO A 8 -3.31 -0.95 2.25
C PRO A 8 -2.36 -2.15 2.16
N GLU A 9 -1.27 -1.99 1.41
CA GLU A 9 -0.30 -3.05 1.24
C GLU A 9 0.16 -3.60 2.60
N ILE A 10 0.36 -4.90 2.67
CA ILE A 10 0.80 -5.54 3.91
C ILE A 10 2.09 -4.91 4.42
N PRO A 11 1.99 -4.24 5.58
CA PRO A 11 3.14 -3.59 6.21
C PRO A 11 4.15 -4.59 6.77
N ASP A 12 5.30 -4.08 7.20
CA ASP A 12 6.34 -4.94 7.76
C ASP A 12 6.92 -4.33 9.03
N LYS A 13 7.33 -5.19 9.96
CA LYS A 13 7.90 -4.74 11.22
C LYS A 13 9.20 -3.99 10.99
N THR A 14 9.76 -4.13 9.79
CA THR A 14 11.01 -3.46 9.45
C THR A 14 10.83 -2.54 8.25
N SER A 15 9.68 -2.65 7.58
CA SER A 15 9.38 -1.84 6.42
C SER A 15 8.18 -0.94 6.68
N ILE A 16 8.43 0.37 6.79
CA ILE A 16 7.36 1.33 7.04
C ILE A 16 7.34 2.42 5.97
N CYS A 17 6.22 3.13 5.87
CA CYS A 17 6.08 4.20 4.89
C CYS A 17 6.10 5.56 5.58
N ASN A 18 6.01 6.62 4.78
CA ASN A 18 6.02 7.98 5.31
C ASN A 18 4.60 8.54 5.40
N SER A 19 4.49 9.78 5.87
CA SER A 19 3.19 10.43 6.01
C SER A 19 2.52 10.57 4.65
N ASP A 20 1.23 10.94 4.67
CA ASP A 20 0.47 11.12 3.44
C ASP A 20 1.14 12.15 2.53
N ALA A 21 1.83 13.11 3.13
CA ALA A 21 2.51 14.14 2.37
C ALA A 21 3.91 13.70 1.96
N ASP A 22 4.29 12.49 2.39
CA ASP A 22 5.59 11.95 2.06
C ASP A 22 5.47 10.58 1.40
N CYS A 23 4.30 10.32 0.84
CA CYS A 23 4.04 9.04 0.17
C CYS A 23 3.72 9.26 -1.31
N THR A 24 4.42 8.55 -2.18
CA THR A 24 4.23 8.66 -3.61
C THR A 24 3.55 7.41 -4.17
N PRO A 25 2.73 7.60 -5.21
CA PRO A 25 2.01 6.51 -5.87
C PRO A 25 2.95 5.58 -6.64
N GLY A 26 2.36 4.67 -7.42
CA GLY A 26 3.15 3.74 -8.20
C GLY A 26 3.77 2.65 -7.35
N SER A 27 4.58 1.80 -7.96
CA SER A 27 5.23 0.70 -7.26
C SER A 27 6.09 -0.12 -8.21
N VAL A 28 6.78 -1.11 -7.65
CA VAL A 28 7.65 -1.97 -8.45
C VAL A 28 7.41 -3.44 -8.12
N ASP A 29 6.25 -3.73 -7.55
CA ASP A 29 5.90 -5.10 -7.18
C ASP A 29 5.19 -5.81 -8.35
N THR A 30 5.96 -6.62 -9.08
CA THR A 30 5.42 -7.34 -10.22
C THR A 30 4.54 -8.51 -9.77
N HIS A 31 4.82 -9.02 -8.57
CA HIS A 31 4.05 -10.13 -8.02
C HIS A 31 2.83 -9.63 -7.27
N SER A 32 3.00 -8.54 -6.52
CA SER A 32 1.91 -7.96 -5.75
C SER A 32 0.99 -7.13 -6.65
N SER A 33 1.58 -6.51 -7.68
CA SER A 33 0.82 -5.69 -8.60
C SER A 33 0.08 -4.58 -7.86
N GLY A 34 0.61 -4.19 -6.71
CA GLY A 34 0.00 -3.14 -5.92
C GLY A 34 0.56 -1.77 -6.24
N VAL A 35 -0.22 -0.96 -6.96
CA VAL A 35 0.21 0.38 -7.33
C VAL A 35 -0.21 1.40 -6.28
N ALA A 36 0.78 1.97 -5.59
CA ALA A 36 0.52 2.97 -4.56
C ALA A 36 -0.33 4.11 -5.11
N THR A 37 -1.30 4.56 -4.32
CA THR A 37 -2.18 5.65 -4.72
C THR A 37 -1.55 7.00 -4.42
N GLY A 38 -0.77 7.07 -3.34
CA GLY A 38 -0.13 8.31 -2.97
C GLY A 38 -0.47 8.75 -1.56
N ARG A 39 -1.26 7.93 -0.87
CA ARG A 39 -1.67 8.24 0.49
C ARG A 39 -1.24 7.14 1.46
N CYS A 40 -0.74 7.54 2.63
CA CYS A 40 -0.29 6.59 3.64
C CYS A 40 -1.17 6.65 4.88
N VAL A 41 -1.36 5.51 5.52
CA VAL A 41 -2.18 5.44 6.73
C VAL A 41 -1.71 4.31 7.65
N PRO A 42 -1.99 4.46 8.95
CA PRO A 42 -1.59 3.46 9.96
C PRO A 42 -2.40 2.17 9.83
N PHE A 43 -1.79 1.14 9.27
CA PHE A 43 -2.44 -0.14 9.09
C PHE A 43 -3.06 -0.62 10.40
N ASN A 44 -2.24 -0.75 11.42
CA ASN A 44 -2.71 -1.19 12.73
C ASN A 44 -2.63 -0.06 13.76
N GLU A 45 -1.42 0.25 14.20
CA GLU A 45 -1.22 1.32 15.18
C GLU A 45 0.24 1.77 15.19
N SER A 46 1.12 0.90 15.66
CA SER A 46 2.54 1.21 15.74
C SER A 46 3.18 1.20 14.34
N VAL A 47 2.55 0.48 13.43
CA VAL A 47 3.04 0.37 12.06
C VAL A 47 2.12 1.10 11.09
N LYS A 48 2.70 1.65 10.02
CA LYS A 48 1.93 2.37 9.02
C LYS A 48 2.38 1.99 7.61
N THR A 49 1.43 1.87 6.69
CA THR A 49 1.72 1.51 5.32
C THR A 49 1.05 2.46 4.34
N CYS A 50 1.28 2.23 3.05
CA CYS A 50 0.70 3.08 2.01
C CYS A 50 -0.34 2.30 1.21
N GLU A 51 -1.42 2.99 0.83
CA GLU A 51 -2.49 2.36 0.06
C GLU A 51 -2.04 2.12 -1.38
N VAL A 52 -2.40 0.95 -1.91
CA VAL A 52 -2.03 0.60 -3.28
C VAL A 52 -3.21 -0.04 -4.01
N ALA A 53 -3.01 -0.35 -5.28
CA ALA A 53 -4.06 -0.97 -6.09
C ALA A 53 -3.62 -2.34 -6.59
N ALA A 54 -4.22 -3.38 -6.01
CA ALA A 54 -3.89 -4.75 -6.40
C ALA A 54 -5.07 -5.68 -6.16
N TRP A 55 -4.85 -6.98 -6.34
CA TRP A 55 -5.90 -7.97 -6.14
C TRP A 55 -6.12 -8.24 -4.66
N CYS A 56 -7.21 -7.71 -4.12
CA CYS A 56 -7.54 -7.90 -2.71
C CYS A 56 -8.83 -8.69 -2.55
N PRO A 57 -9.03 -9.27 -1.36
CA PRO A 57 -10.22 -10.07 -1.04
C PRO A 57 -11.48 -9.21 -0.95
N VAL A 58 -11.34 -8.05 -0.31
CA VAL A 58 -12.47 -7.14 -0.14
C VAL A 58 -12.63 -6.25 -1.36
N MET A 1 -15.83 -10.96 -15.58
CA MET A 1 -14.44 -11.05 -15.14
C MET A 1 -14.20 -10.16 -13.94
N GLN A 2 -13.09 -10.39 -13.25
CA GLN A 2 -12.72 -9.60 -12.07
C GLN A 2 -11.75 -8.50 -12.44
N THR A 3 -11.36 -7.71 -11.44
CA THR A 3 -10.43 -6.60 -11.65
C THR A 3 -9.68 -6.27 -10.37
N GLN A 4 -8.58 -5.53 -10.52
CA GLN A 4 -7.77 -5.13 -9.37
C GLN A 4 -8.50 -4.09 -8.52
N SER A 5 -8.35 -4.21 -7.20
CA SER A 5 -8.99 -3.29 -6.28
C SER A 5 -7.95 -2.52 -5.45
N THR A 6 -8.42 -1.55 -4.69
CA THR A 6 -7.54 -0.74 -3.85
C THR A 6 -7.63 -1.17 -2.39
N CYS A 7 -6.48 -1.16 -1.71
CA CYS A 7 -6.44 -1.55 -0.30
C CYS A 7 -5.09 -1.18 0.31
N PRO A 8 -5.07 -1.03 1.65
CA PRO A 8 -3.86 -0.68 2.39
C PRO A 8 -2.83 -1.81 2.40
N GLU A 9 -1.71 -1.57 1.75
CA GLU A 9 -0.64 -2.57 1.68
C GLU A 9 -0.29 -3.08 3.06
N ILE A 10 0.19 -4.32 3.14
CA ILE A 10 0.57 -4.93 4.41
C ILE A 10 1.92 -4.39 4.89
N PRO A 11 1.92 -3.82 6.11
CA PRO A 11 3.13 -3.26 6.71
C PRO A 11 4.13 -4.34 7.11
N ASP A 12 5.41 -3.97 7.16
CA ASP A 12 6.46 -4.90 7.53
C ASP A 12 7.43 -4.27 8.53
N LYS A 13 8.01 -5.10 9.38
CA LYS A 13 8.95 -4.62 10.39
C LYS A 13 10.14 -3.94 9.74
N THR A 14 10.35 -4.22 8.45
CA THR A 14 11.45 -3.64 7.71
C THR A 14 10.95 -2.67 6.64
N SER A 15 9.70 -2.85 6.23
CA SER A 15 9.10 -2.01 5.21
C SER A 15 7.94 -1.20 5.78
N ILE A 16 8.15 0.11 5.92
CA ILE A 16 7.12 1.00 6.45
C ILE A 16 6.82 2.14 5.49
N CYS A 17 5.64 2.72 5.63
CA CYS A 17 5.22 3.83 4.77
C CYS A 17 5.24 5.15 5.54
N ASN A 18 5.50 6.25 4.82
CA ASN A 18 5.55 7.57 5.42
C ASN A 18 4.24 8.32 5.19
N SER A 19 4.17 9.54 5.70
CA SER A 19 2.99 10.38 5.55
C SER A 19 2.70 10.64 4.07
N ASP A 20 1.53 11.21 3.79
CA ASP A 20 1.14 11.52 2.43
C ASP A 20 2.15 12.45 1.76
N ALA A 21 2.84 13.24 2.57
CA ALA A 21 3.85 14.16 2.07
C ALA A 21 5.19 13.48 1.86
N ASP A 22 5.25 12.19 2.22
CA ASP A 22 6.47 11.41 2.06
C ASP A 22 6.19 10.09 1.37
N CYS A 23 4.96 9.92 0.90
CA CYS A 23 4.55 8.70 0.21
C CYS A 23 4.12 8.99 -1.22
N THR A 24 4.70 8.27 -2.18
CA THR A 24 4.38 8.45 -3.58
C THR A 24 3.71 7.21 -4.16
N PRO A 25 2.81 7.42 -5.13
CA PRO A 25 2.09 6.33 -5.79
C PRO A 25 2.99 5.48 -6.67
N GLY A 26 2.38 4.59 -7.46
CA GLY A 26 3.16 3.74 -8.34
C GLY A 26 4.10 2.82 -7.58
N SER A 27 5.39 2.94 -7.86
CA SER A 27 6.40 2.12 -7.20
C SER A 27 6.04 0.64 -7.31
N VAL A 28 5.97 0.14 -8.54
CA VAL A 28 5.63 -1.25 -8.78
C VAL A 28 6.52 -2.18 -7.96
N ASP A 29 5.90 -2.99 -7.10
CA ASP A 29 6.63 -3.93 -6.27
C ASP A 29 6.37 -5.36 -6.68
N THR A 30 7.38 -6.22 -6.52
CA THR A 30 7.25 -7.62 -6.90
C THR A 30 6.38 -8.38 -5.90
N HIS A 31 6.55 -8.06 -4.61
CA HIS A 31 5.79 -8.70 -3.56
C HIS A 31 4.46 -7.99 -3.32
N SER A 32 4.18 -7.00 -4.16
CA SER A 32 2.94 -6.23 -4.05
C SER A 32 2.07 -6.41 -5.29
N SER A 33 2.71 -6.35 -6.45
CA SER A 33 1.99 -6.51 -7.72
C SER A 33 0.86 -5.49 -7.83
N GLY A 34 1.00 -4.38 -7.12
CA GLY A 34 -0.02 -3.35 -7.16
C GLY A 34 0.57 -1.96 -7.40
N VAL A 35 -0.30 -0.99 -7.67
CA VAL A 35 0.13 0.38 -7.92
C VAL A 35 -0.20 1.29 -6.75
N ALA A 36 0.83 1.82 -6.10
CA ALA A 36 0.64 2.70 -4.96
C ALA A 36 -0.26 3.89 -5.32
N THR A 37 -1.13 4.27 -4.40
CA THR A 37 -2.04 5.38 -4.61
C THR A 37 -1.41 6.70 -4.18
N GLY A 38 -0.56 6.64 -3.16
CA GLY A 38 0.09 7.84 -2.66
C GLY A 38 -0.25 8.11 -1.21
N ARG A 39 -1.50 7.88 -0.84
CA ARG A 39 -1.96 8.12 0.53
C ARG A 39 -1.54 6.96 1.44
N CYS A 40 -1.05 7.30 2.63
CA CYS A 40 -0.63 6.29 3.59
C CYS A 40 -1.46 6.38 4.87
N VAL A 41 -1.72 5.21 5.47
CA VAL A 41 -2.51 5.16 6.70
C VAL A 41 -1.90 4.16 7.69
N PRO A 42 -2.16 4.38 8.98
CA PRO A 42 -1.66 3.51 10.06
C PRO A 42 -2.33 2.14 10.04
N PHE A 43 -1.85 1.26 9.17
CA PHE A 43 -2.41 -0.09 9.06
C PHE A 43 -2.46 -0.76 10.43
N ASN A 44 -1.30 -0.87 11.07
CA ASN A 44 -1.21 -1.50 12.38
C ASN A 44 -1.29 -0.46 13.49
N GLU A 45 -1.00 -0.88 14.72
CA GLU A 45 -1.04 0.02 15.87
C GLU A 45 0.21 0.89 15.92
N SER A 46 1.37 0.24 15.82
CA SER A 46 2.64 0.95 15.87
C SER A 46 3.32 0.94 14.50
N VAL A 47 2.53 0.74 13.46
CA VAL A 47 3.04 0.71 12.09
C VAL A 47 2.06 1.33 11.12
N LYS A 48 2.59 1.86 10.02
CA LYS A 48 1.75 2.49 8.99
C LYS A 48 2.20 2.06 7.60
N THR A 49 1.22 1.77 6.74
CA THR A 49 1.52 1.36 5.37
C THR A 49 0.89 2.32 4.36
N CYS A 50 1.15 2.06 3.08
CA CYS A 50 0.60 2.90 2.02
C CYS A 50 -0.42 2.12 1.18
N GLU A 51 -1.48 2.81 0.77
CA GLU A 51 -2.53 2.19 -0.03
C GLU A 51 -2.05 1.94 -1.45
N VAL A 52 -2.42 0.80 -2.01
CA VAL A 52 -2.02 0.43 -3.36
C VAL A 52 -3.19 -0.20 -4.12
N ALA A 53 -2.99 -0.44 -5.42
CA ALA A 53 -4.02 -1.04 -6.25
C ALA A 53 -3.59 -2.44 -6.72
N ALA A 54 -4.16 -3.46 -6.11
CA ALA A 54 -3.85 -4.84 -6.46
C ALA A 54 -5.02 -5.77 -6.18
N TRP A 55 -4.80 -7.07 -6.34
CA TRP A 55 -5.84 -8.07 -6.08
C TRP A 55 -6.01 -8.30 -4.59
N CYS A 56 -7.10 -7.76 -4.04
CA CYS A 56 -7.39 -7.92 -2.61
C CYS A 56 -8.64 -8.76 -2.41
N PRO A 57 -8.78 -9.31 -1.19
CA PRO A 57 -9.93 -10.14 -0.83
C PRO A 57 -11.23 -9.34 -0.73
N VAL A 58 -11.09 -8.02 -0.59
CA VAL A 58 -12.25 -7.15 -0.48
C VAL A 58 -12.62 -6.56 -1.83
N MET A 1 -16.05 -11.80 -13.63
CA MET A 1 -14.66 -11.54 -13.99
C MET A 1 -13.89 -10.97 -12.81
N GLN A 2 -12.65 -11.43 -12.64
CA GLN A 2 -11.80 -10.97 -11.55
C GLN A 2 -11.00 -9.75 -11.96
N THR A 3 -10.74 -8.85 -11.02
CA THR A 3 -9.99 -7.64 -11.28
C THR A 3 -9.25 -7.16 -10.03
N GLN A 4 -8.21 -6.35 -10.24
CA GLN A 4 -7.44 -5.82 -9.12
C GLN A 4 -8.24 -4.78 -8.35
N SER A 5 -8.07 -4.77 -7.03
CA SER A 5 -8.77 -3.84 -6.17
C SER A 5 -7.80 -2.89 -5.48
N THR A 6 -8.34 -1.89 -4.80
CA THR A 6 -7.52 -0.92 -4.09
C THR A 6 -7.51 -1.18 -2.59
N CYS A 7 -6.35 -1.00 -1.96
CA CYS A 7 -6.20 -1.22 -0.53
C CYS A 7 -4.78 -0.91 -0.07
N PRO A 8 -4.63 -0.61 1.23
CA PRO A 8 -3.33 -0.29 1.82
C PRO A 8 -2.41 -1.51 1.90
N GLU A 9 -1.16 -1.33 1.52
CA GLU A 9 -0.19 -2.42 1.54
C GLU A 9 -0.16 -3.09 2.92
N ILE A 10 0.43 -4.27 2.99
CA ILE A 10 0.53 -5.01 4.24
C ILE A 10 1.71 -4.52 5.08
N PRO A 11 1.45 -4.28 6.37
CA PRO A 11 2.47 -3.82 7.31
C PRO A 11 3.51 -4.89 7.62
N ASP A 12 4.72 -4.71 7.10
CA ASP A 12 5.80 -5.66 7.31
C ASP A 12 7.10 -4.93 7.68
N LYS A 13 7.95 -5.62 8.42
CA LYS A 13 9.24 -5.04 8.84
C LYS A 13 10.09 -4.69 7.63
N THR A 14 9.76 -5.28 6.49
CA THR A 14 10.51 -5.03 5.26
C THR A 14 9.80 -4.00 4.39
N SER A 15 8.48 -3.91 4.53
CA SER A 15 7.69 -2.96 3.75
C SER A 15 7.02 -1.95 4.66
N ILE A 16 7.48 -0.70 4.59
CA ILE A 16 6.92 0.37 5.41
C ILE A 16 6.44 1.54 4.54
N CYS A 17 5.57 2.35 5.10
CA CYS A 17 5.03 3.51 4.39
C CYS A 17 5.58 4.81 4.96
N ASN A 18 5.76 5.80 4.10
CA ASN A 18 6.28 7.10 4.53
C ASN A 18 5.14 8.11 4.70
N SER A 19 5.49 9.33 5.12
CA SER A 19 4.50 10.38 5.32
C SER A 19 3.77 10.69 4.02
N ASP A 20 2.66 11.41 4.13
CA ASP A 20 1.86 11.79 2.97
C ASP A 20 2.74 12.45 1.91
N ALA A 21 3.72 13.22 2.37
CA ALA A 21 4.62 13.92 1.46
C ALA A 21 5.80 13.03 1.07
N ASP A 22 6.06 12.01 1.88
CA ASP A 22 7.15 11.09 1.61
C ASP A 22 6.65 9.85 0.88
N CYS A 23 5.38 9.84 0.53
CA CYS A 23 4.76 8.72 -0.16
C CYS A 23 4.25 9.14 -1.53
N THR A 24 4.65 8.41 -2.56
CA THR A 24 4.23 8.71 -3.93
C THR A 24 3.54 7.52 -4.57
N PRO A 25 2.56 7.78 -5.45
CA PRO A 25 1.81 6.75 -6.15
C PRO A 25 2.67 6.00 -7.16
N GLY A 26 2.02 5.17 -7.98
CA GLY A 26 2.73 4.41 -8.99
C GLY A 26 3.17 3.05 -8.48
N SER A 27 4.33 3.01 -7.83
CA SER A 27 4.86 1.76 -7.30
C SER A 27 5.60 2.00 -5.99
N VAL A 28 5.27 1.21 -4.97
CA VAL A 28 5.91 1.33 -3.67
C VAL A 28 6.44 -0.01 -3.18
N ASP A 29 5.68 -1.07 -3.45
CA ASP A 29 6.07 -2.41 -3.03
C ASP A 29 6.40 -3.27 -4.24
N THR A 30 7.70 -3.44 -4.51
CA THR A 30 8.14 -4.24 -5.64
C THR A 30 7.58 -5.65 -5.58
N HIS A 31 7.25 -6.10 -4.37
CA HIS A 31 6.70 -7.43 -4.17
C HIS A 31 5.21 -7.46 -4.49
N SER A 32 4.56 -6.30 -4.37
CA SER A 32 3.14 -6.19 -4.64
C SER A 32 2.88 -5.93 -6.12
N SER A 33 3.77 -5.16 -6.74
CA SER A 33 3.64 -4.82 -8.15
C SER A 33 2.29 -4.17 -8.43
N GLY A 34 1.73 -3.53 -7.41
CA GLY A 34 0.45 -2.86 -7.56
C GLY A 34 0.60 -1.41 -7.96
N VAL A 35 -0.49 -0.66 -7.85
CA VAL A 35 -0.49 0.76 -8.20
C VAL A 35 -0.62 1.64 -6.97
N ALA A 36 0.50 2.22 -6.53
CA ALA A 36 0.51 3.09 -5.36
C ALA A 36 -0.39 4.30 -5.57
N THR A 37 -1.07 4.71 -4.51
CA THR A 37 -1.98 5.86 -4.57
C THR A 37 -1.32 7.11 -3.99
N GLY A 38 -0.54 6.92 -2.92
CA GLY A 38 0.13 8.04 -2.30
C GLY A 38 -0.37 8.31 -0.90
N ARG A 39 -1.63 7.99 -0.65
CA ARG A 39 -2.24 8.19 0.66
C ARG A 39 -1.75 7.14 1.66
N CYS A 40 -1.17 7.61 2.76
CA CYS A 40 -0.66 6.71 3.79
C CYS A 40 -1.59 6.68 4.99
N VAL A 41 -1.69 5.51 5.62
CA VAL A 41 -2.55 5.34 6.78
C VAL A 41 -2.00 4.28 7.73
N PRO A 42 -2.29 4.44 9.04
CA PRO A 42 -1.83 3.51 10.07
C PRO A 42 -2.52 2.15 9.98
N PHE A 43 -2.03 1.30 9.09
CA PHE A 43 -2.60 -0.03 8.90
C PHE A 43 -2.73 -0.76 10.23
N ASN A 44 -1.60 -0.91 10.93
CA ASN A 44 -1.58 -1.60 12.22
C ASN A 44 -1.41 -0.59 13.36
N GLU A 45 -1.17 -1.11 14.56
CA GLU A 45 -0.99 -0.26 15.73
C GLU A 45 0.36 0.44 15.69
N SER A 46 1.43 -0.35 15.74
CA SER A 46 2.78 0.20 15.71
C SER A 46 3.37 0.14 14.31
N VAL A 47 2.49 0.05 13.31
CA VAL A 47 2.92 -0.01 11.92
C VAL A 47 1.94 0.71 11.01
N LYS A 48 2.45 1.24 9.90
CA LYS A 48 1.62 1.95 8.94
C LYS A 48 1.99 1.59 7.51
N THR A 49 1.02 1.64 6.60
CA THR A 49 1.24 1.32 5.20
C THR A 49 0.67 2.39 4.29
N CYS A 50 0.91 2.24 3.00
CA CYS A 50 0.41 3.21 2.01
C CYS A 50 -0.65 2.57 1.12
N GLU A 51 -1.47 3.40 0.51
CA GLU A 51 -2.53 2.92 -0.37
C GLU A 51 -1.96 2.41 -1.69
N VAL A 52 -2.42 1.24 -2.12
CA VAL A 52 -1.95 0.65 -3.37
C VAL A 52 -3.05 -0.16 -4.04
N ALA A 53 -2.89 -0.43 -5.34
CA ALA A 53 -3.87 -1.20 -6.09
C ALA A 53 -3.33 -2.58 -6.44
N ALA A 54 -3.91 -3.59 -5.80
CA ALA A 54 -3.49 -4.97 -6.03
C ALA A 54 -4.64 -5.94 -5.79
N TRP A 55 -4.34 -7.24 -5.84
CA TRP A 55 -5.35 -8.27 -5.61
C TRP A 55 -5.63 -8.44 -4.13
N CYS A 56 -6.78 -7.93 -3.69
CA CYS A 56 -7.17 -8.03 -2.29
C CYS A 56 -8.68 -7.95 -2.14
N PRO A 57 -9.20 -8.55 -1.06
CA PRO A 57 -10.64 -8.56 -0.78
C PRO A 57 -11.17 -7.18 -0.38
N VAL A 58 -12.32 -6.81 -0.94
CA VAL A 58 -12.92 -5.52 -0.64
C VAL A 58 -13.58 -5.52 0.72
#